data_3UKI
#
_entry.id   3UKI
#
_cell.length_a   63.236
_cell.length_b   82.814
_cell.length_c   170.484
_cell.angle_alpha   90.00
_cell.angle_beta   90.00
_cell.angle_gamma   90.00
#
_symmetry.space_group_name_H-M   'P 21 21 21'
#
_entity_poly.entity_id   1
_entity_poly.type   'polypeptide(L)'
_entity_poly.pdbx_seq_one_letter_code
;TGRLNIAVLPTIAPYLLPRVFPIWKKELAGLEIHVSEMQTSRCLASLLSGEIDMAIIASKAETEGLEDDLLYYEEFLGYV
SRCEPLFEQDVIRTTEVNPHRLWLLDEGHCFRDQLVRFCQMKGLHERQTAYSGGSMEAFMRLVESGQGITFIPQLTVEQL
SPSQKELVRPFGMPRPVREVRLAVRQDYSRRKLREQLIGLLRSAVPSDMHKLQTGQHLAHHHH
;
_entity_poly.pdbx_strand_id   A,B,C,D
#
# COMPACT_ATOMS: atom_id res chain seq x y z
N GLY A 2 -6.42 25.84 -25.22
CA GLY A 2 -5.77 25.74 -23.92
C GLY A 2 -6.73 25.28 -22.83
N ARG A 3 -6.28 24.32 -22.04
CA ARG A 3 -7.06 23.81 -20.92
C ARG A 3 -6.16 23.02 -19.97
N LEU A 4 -5.03 23.63 -19.62
CA LEU A 4 -4.07 23.06 -18.67
C LEU A 4 -4.73 22.63 -17.37
N ASN A 5 -4.22 21.56 -16.78
CA ASN A 5 -4.67 21.12 -15.46
C ASN A 5 -3.46 20.89 -14.57
N ILE A 6 -3.29 21.79 -13.61
CA ILE A 6 -2.21 21.68 -12.65
C ILE A 6 -2.74 20.98 -11.41
N ALA A 7 -1.85 20.25 -10.73
CA ALA A 7 -2.18 19.57 -9.49
C ALA A 7 -1.27 20.11 -8.41
N VAL A 8 -1.70 20.04 -7.16
CA VAL A 8 -0.88 20.56 -6.07
C VAL A 8 -1.14 19.64 -4.88
N LEU A 9 -0.16 19.49 -4.00
CA LEU A 9 -0.33 18.66 -2.82
C LEU A 9 -1.01 19.47 -1.73
N PRO A 10 -1.74 18.80 -0.83
CA PRO A 10 -2.42 19.51 0.26
C PRO A 10 -1.49 20.36 1.11
N THR A 11 -0.21 19.99 1.15
CA THR A 11 0.79 20.73 1.92
C THR A 11 1.32 21.97 1.17
N ILE A 12 1.00 22.08 -0.12
CA ILE A 12 1.36 23.26 -0.91
C ILE A 12 0.17 24.11 -1.31
N ALA A 13 -0.94 23.46 -1.65
CA ALA A 13 -2.11 24.15 -2.17
C ALA A 13 -2.49 25.41 -1.39
N PRO A 14 -2.84 25.26 -0.10
CA PRO A 14 -3.26 26.43 0.69
C PRO A 14 -2.23 27.55 0.84
N TYR A 15 -0.96 27.32 0.50
CA TYR A 15 0.07 28.33 0.71
C TYR A 15 0.59 28.91 -0.59
N LEU A 16 0.80 28.05 -1.58
CA LEU A 16 1.24 28.48 -2.89
C LEU A 16 0.07 29.05 -3.72
N LEU A 17 -1.01 28.28 -3.87
CA LEU A 17 -2.14 28.69 -4.74
C LEU A 17 -2.65 30.11 -4.52
N PRO A 18 -2.93 30.50 -3.26
CA PRO A 18 -3.35 31.88 -3.02
C PRO A 18 -2.39 32.91 -3.62
N ARG A 19 -1.11 32.55 -3.72
CA ARG A 19 -0.13 33.43 -4.32
C ARG A 19 -0.28 33.51 -5.83
N VAL A 20 -0.46 32.36 -6.47
CA VAL A 20 -0.43 32.30 -7.93
C VAL A 20 -1.64 32.89 -8.61
N PHE A 21 -2.82 32.66 -8.03
CA PHE A 21 -4.09 32.93 -8.70
C PHE A 21 -4.17 34.37 -9.23
N PRO A 22 -3.88 35.35 -8.38
CA PRO A 22 -3.83 36.73 -8.89
C PRO A 22 -2.83 36.91 -10.03
N ILE A 23 -1.68 36.25 -9.92
CA ILE A 23 -0.67 36.32 -10.97
C ILE A 23 -1.11 35.49 -12.18
N TRP A 24 -1.85 34.41 -11.94
CA TRP A 24 -2.28 33.55 -13.01
C TRP A 24 -3.38 34.17 -13.86
N LYS A 25 -4.11 35.10 -13.27
CA LYS A 25 -5.14 35.80 -14.01
C LYS A 25 -4.51 36.66 -15.11
N LYS A 26 -3.34 37.21 -14.82
CA LYS A 26 -2.69 38.15 -15.74
C LYS A 26 -1.85 37.51 -16.86
N GLU A 27 -0.78 36.81 -16.50
CA GLU A 27 0.19 36.35 -17.50
C GLU A 27 -0.30 35.23 -18.43
N LEU A 28 -1.16 34.36 -17.94
CA LEU A 28 -1.70 33.26 -18.73
C LEU A 28 -3.11 33.61 -19.20
N ALA A 29 -3.27 34.81 -19.75
CA ALA A 29 -4.57 35.32 -20.15
C ALA A 29 -5.34 34.36 -21.06
N GLY A 30 -6.57 34.05 -20.69
CA GLY A 30 -7.42 33.21 -21.52
C GLY A 30 -7.17 31.73 -21.44
N LEU A 31 -6.98 31.20 -20.22
CA LEU A 31 -6.80 29.76 -20.04
C LEU A 31 -7.72 29.20 -18.95
N GLU A 32 -8.59 28.27 -19.36
CA GLU A 32 -9.52 27.62 -18.44
C GLU A 32 -8.79 26.53 -17.64
N ILE A 33 -8.21 26.95 -16.54
CA ILE A 33 -7.45 26.08 -15.64
C ILE A 33 -8.33 25.39 -14.61
N HIS A 34 -7.89 24.22 -14.16
CA HIS A 34 -8.55 23.57 -13.03
C HIS A 34 -7.47 22.99 -12.12
N VAL A 35 -7.36 23.56 -10.93
CA VAL A 35 -6.41 23.10 -9.94
C VAL A 35 -7.11 22.03 -9.09
N SER A 36 -6.38 20.99 -8.67
CA SER A 36 -6.98 19.91 -7.89
C SER A 36 -6.06 19.34 -6.81
N GLU A 37 -6.45 19.46 -5.55
CA GLU A 37 -5.66 18.93 -4.46
C GLU A 37 -5.66 17.41 -4.53
N MET A 38 -4.48 16.82 -4.39
CA MET A 38 -4.31 15.38 -4.58
C MET A 38 -2.98 14.91 -3.98
N GLN A 39 -2.92 13.63 -3.63
CA GLN A 39 -1.74 13.04 -3.02
C GLN A 39 -0.63 12.96 -4.08
N THR A 40 0.62 12.81 -3.64
CA THR A 40 1.74 12.74 -4.56
C THR A 40 1.68 11.47 -5.43
N SER A 41 1.23 10.38 -4.83
CA SER A 41 1.17 9.10 -5.54
C SER A 41 0.06 9.15 -6.59
N ARG A 42 -1.06 9.76 -6.23
CA ARG A 42 -2.17 9.93 -7.16
C ARG A 42 -1.78 10.94 -8.24
N CYS A 43 -0.98 11.93 -7.86
CA CYS A 43 -0.48 12.89 -8.84
C CYS A 43 0.24 12.15 -9.95
N LEU A 44 1.29 11.41 -9.63
CA LEU A 44 2.02 10.64 -10.64
C LEU A 44 1.09 9.71 -11.43
N ALA A 45 0.25 8.97 -10.72
CA ALA A 45 -0.67 8.03 -11.36
C ALA A 45 -1.61 8.74 -12.33
N SER A 46 -1.87 10.03 -12.11
CA SER A 46 -2.69 10.80 -13.03
C SER A 46 -1.83 11.46 -14.12
N LEU A 47 -0.55 11.72 -13.85
CA LEU A 47 0.35 12.23 -14.88
C LEU A 47 0.44 11.24 -16.03
N LEU A 48 0.54 9.96 -15.69
CA LEU A 48 0.63 8.92 -16.72
C LEU A 48 -0.66 8.72 -17.50
N SER A 49 -1.81 8.79 -16.83
CA SER A 49 -3.07 8.49 -17.51
C SER A 49 -3.50 9.55 -18.53
N GLY A 50 -3.09 10.81 -18.32
CA GLY A 50 -3.32 11.86 -19.29
C GLY A 50 -4.41 12.86 -18.91
N GLU A 51 -4.98 12.69 -17.71
CA GLU A 51 -6.09 13.52 -17.27
C GLU A 51 -5.62 14.87 -16.74
N ILE A 52 -4.36 14.92 -16.34
CA ILE A 52 -3.76 16.15 -15.81
C ILE A 52 -2.37 16.27 -16.42
N ASP A 53 -1.92 17.51 -16.61
CA ASP A 53 -0.71 17.76 -17.36
C ASP A 53 0.51 18.02 -16.47
N MET A 54 0.30 18.52 -15.25
CA MET A 54 1.44 18.93 -14.43
C MET A 54 1.11 18.89 -12.95
N ALA A 55 2.13 18.62 -12.13
CA ALA A 55 1.93 18.51 -10.68
C ALA A 55 3.07 19.17 -9.91
N ILE A 56 2.71 20.14 -9.08
CA ILE A 56 3.63 20.78 -8.17
C ILE A 56 3.81 19.81 -7.00
N ILE A 57 4.89 19.03 -7.03
CA ILE A 57 5.11 17.96 -6.05
C ILE A 57 6.30 18.20 -5.11
N ALA A 58 6.39 17.35 -4.08
CA ALA A 58 7.28 17.55 -2.93
C ALA A 58 8.62 16.82 -2.96
N SER A 59 8.86 16.01 -3.98
CA SER A 59 10.09 15.24 -4.07
C SER A 59 10.54 15.23 -5.51
N LYS A 60 11.55 14.43 -5.80
CA LYS A 60 11.91 14.16 -7.18
C LYS A 60 10.72 13.42 -7.77
N ALA A 61 10.70 13.23 -9.09
CA ALA A 61 9.52 12.60 -9.66
C ALA A 61 9.67 11.11 -9.43
N GLU A 62 10.86 10.60 -9.72
CA GLU A 62 11.21 9.21 -9.43
C GLU A 62 10.22 8.21 -10.00
N THR A 63 10.57 7.68 -11.17
CA THR A 63 9.79 6.69 -11.91
C THR A 63 9.96 7.05 -13.38
N GLU A 64 10.27 6.06 -14.19
CA GLU A 64 10.50 6.25 -15.62
C GLU A 64 9.32 6.96 -16.30
N GLY A 65 9.62 7.94 -17.14
CA GLY A 65 8.57 8.66 -17.85
C GLY A 65 8.10 9.96 -17.22
N LEU A 66 8.77 10.40 -16.14
CA LEU A 66 8.40 11.66 -15.50
C LEU A 66 9.61 12.56 -15.35
N GLU A 67 9.51 13.75 -15.93
CA GLU A 67 10.49 14.80 -15.72
C GLU A 67 10.03 15.71 -14.58
N ASP A 68 10.94 16.51 -14.05
CA ASP A 68 10.59 17.43 -12.97
C ASP A 68 11.61 18.57 -12.85
N ASP A 69 11.14 19.80 -13.06
CA ASP A 69 12.01 20.96 -13.00
C ASP A 69 11.94 21.53 -11.59
N LEU A 70 13.06 22.06 -11.09
CA LEU A 70 13.09 22.54 -9.72
C LEU A 70 12.31 23.85 -9.65
N LEU A 71 11.49 23.98 -8.61
CA LEU A 71 10.74 25.21 -8.37
C LEU A 71 11.31 25.97 -7.18
N TYR A 72 11.20 25.39 -5.99
CA TYR A 72 11.78 26.05 -4.83
C TYR A 72 12.02 25.10 -3.67
N TYR A 73 12.66 25.64 -2.64
CA TYR A 73 12.95 24.91 -1.42
C TYR A 73 12.14 25.47 -0.26
N GLU A 74 11.65 24.60 0.62
CA GLU A 74 10.72 25.02 1.66
C GLU A 74 11.06 24.36 3.01
N GLU A 75 11.36 25.19 4.00
CA GLU A 75 11.91 24.72 5.27
C GLU A 75 10.82 24.39 6.29
N PHE A 76 10.99 23.29 7.02
CA PHE A 76 10.05 22.90 8.07
C PHE A 76 10.35 23.64 9.38
N LEU A 77 9.29 23.91 10.13
CA LEU A 77 9.38 24.62 11.41
C LEU A 77 8.48 23.93 12.44
N GLY A 78 8.86 24.00 13.70
CA GLY A 78 8.04 23.42 14.76
C GLY A 78 6.83 24.29 15.02
N TYR A 79 5.72 23.65 15.38
CA TYR A 79 4.51 24.33 15.75
C TYR A 79 4.13 23.73 17.10
N VAL A 80 4.45 24.48 18.15
CA VAL A 80 4.49 23.93 19.50
C VAL A 80 3.53 24.63 20.46
N SER A 81 2.67 23.82 21.08
CA SER A 81 1.65 24.33 22.00
C SER A 81 2.27 24.90 23.27
N ARG A 82 1.58 25.86 23.87
CA ARG A 82 2.04 26.50 25.11
C ARG A 82 2.35 25.50 26.23
N CYS A 83 1.62 24.37 26.25
CA CYS A 83 1.77 23.39 27.31
C CYS A 83 2.82 22.32 27.01
N GLU A 84 3.68 22.57 26.02
CA GLU A 84 4.77 21.64 25.72
C GLU A 84 6.03 22.16 26.40
N PRO A 85 6.97 21.25 26.73
CA PRO A 85 8.22 21.69 27.34
C PRO A 85 9.18 22.33 26.34
N LEU A 86 8.93 22.13 25.05
CA LEU A 86 9.75 22.70 23.99
C LEU A 86 9.53 24.20 23.81
N PHE A 87 8.38 24.69 24.24
CA PHE A 87 8.08 26.11 24.20
C PHE A 87 9.20 26.93 24.84
N GLU A 88 9.90 26.33 25.80
CA GLU A 88 10.97 27.03 26.50
C GLU A 88 12.21 27.28 25.64
N GLN A 89 12.54 26.36 24.75
CA GLN A 89 13.69 26.52 23.86
C GLN A 89 13.29 27.45 22.72
N ASP A 90 14.28 28.05 22.06
CA ASP A 90 14.03 28.92 20.92
C ASP A 90 14.29 28.15 19.62
N VAL A 91 14.47 26.83 19.75
CA VAL A 91 14.77 26.00 18.61
C VAL A 91 14.62 24.52 19.00
N ILE A 92 14.08 23.73 18.09
CA ILE A 92 13.85 22.30 18.32
C ILE A 92 15.10 21.48 18.16
N ARG A 93 15.65 20.97 19.26
CA ARG A 93 16.69 19.98 19.16
C ARG A 93 16.00 18.74 18.56
N THR A 94 16.57 18.21 17.49
CA THR A 94 15.93 17.14 16.73
C THR A 94 15.53 15.94 17.58
N THR A 95 16.24 15.72 18.69
CA THR A 95 16.08 14.53 19.50
C THR A 95 15.74 14.82 20.97
N GLU A 96 15.00 15.89 21.23
CA GLU A 96 14.55 16.16 22.60
C GLU A 96 13.03 16.27 22.69
N VAL A 97 12.34 15.64 21.73
CA VAL A 97 10.88 15.61 21.70
C VAL A 97 10.44 14.17 22.00
N ASN A 98 9.24 14.00 22.54
CA ASN A 98 8.71 12.67 22.86
C ASN A 98 7.44 12.35 22.05
N PRO A 99 7.36 11.16 21.44
CA PRO A 99 6.23 10.83 20.53
C PRO A 99 4.83 10.71 21.15
N HIS A 100 4.65 11.09 22.42
CA HIS A 100 3.36 10.96 23.06
C HIS A 100 2.49 12.20 22.86
N ARG A 101 3.11 13.34 22.57
CA ARG A 101 2.38 14.58 22.28
C ARG A 101 2.57 15.10 20.84
N LEU A 102 3.23 14.33 19.98
CA LEU A 102 3.41 14.73 18.58
C LEU A 102 2.25 14.26 17.68
N TRP A 103 1.91 15.07 16.69
CA TRP A 103 0.97 14.69 15.64
C TRP A 103 1.64 14.85 14.26
N LEU A 104 1.14 14.12 13.28
CA LEU A 104 1.69 14.19 11.92
C LEU A 104 0.69 13.59 10.92
N LEU A 105 0.95 13.77 9.62
CA LEU A 105 0.02 13.28 8.60
C LEU A 105 0.26 11.79 8.38
N ASP A 106 -0.10 10.99 9.39
CA ASP A 106 0.10 9.55 9.39
C ASP A 106 1.46 9.10 8.80
N GLU A 107 1.48 8.12 7.89
CA GLU A 107 2.74 7.60 7.35
C GLU A 107 2.78 7.65 5.82
N GLY A 108 2.41 8.80 5.27
CA GLY A 108 2.35 8.98 3.84
C GLY A 108 2.41 10.46 3.50
N HIS A 109 2.86 10.75 2.28
CA HIS A 109 2.97 12.12 1.80
C HIS A 109 4.12 12.91 2.45
N CYS A 110 4.70 13.85 1.70
CA CYS A 110 5.93 14.54 2.10
C CYS A 110 5.84 15.58 3.23
N PHE A 111 5.03 15.27 4.23
CA PHE A 111 5.16 15.91 5.53
C PHE A 111 5.77 14.82 6.41
N ARG A 112 5.15 13.65 6.39
CA ARG A 112 5.74 12.45 7.02
C ARG A 112 6.90 11.86 6.21
N ASP A 113 6.79 11.87 4.87
CA ASP A 113 7.80 11.26 4.00
C ASP A 113 9.18 11.79 4.32
N GLN A 114 9.29 13.10 4.47
CA GLN A 114 10.57 13.71 4.79
C GLN A 114 10.91 13.66 6.29
N LEU A 115 9.90 13.72 7.16
CA LEU A 115 10.18 13.80 8.60
C LEU A 115 10.39 12.52 9.40
N VAL A 116 9.65 11.44 9.17
CA VAL A 116 9.91 10.21 9.93
C VAL A 116 11.26 9.70 9.48
N ARG A 117 11.53 9.81 8.18
CA ARG A 117 12.87 9.63 7.68
C ARG A 117 13.85 10.47 8.51
N PHE A 118 13.59 11.78 8.57
CA PHE A 118 14.41 12.71 9.36
C PHE A 118 13.88 13.12 10.76
N CYS A 119 13.17 12.24 11.45
CA CYS A 119 12.71 12.55 12.80
C CYS A 119 13.82 12.26 13.81
N ALA A 130 -3.15 9.59 19.69
CA ALA A 130 -3.49 8.80 18.51
C ALA A 130 -4.36 9.60 17.55
N TYR A 131 -3.98 9.62 16.28
CA TYR A 131 -4.67 10.40 15.25
C TYR A 131 -4.13 10.07 13.85
N SER A 132 -4.80 9.15 13.16
CA SER A 132 -4.39 8.74 11.81
C SER A 132 -5.32 9.31 10.74
N GLY A 133 -4.89 9.24 9.48
CA GLY A 133 -5.69 9.78 8.38
C GLY A 133 -5.74 11.30 8.42
N GLY A 134 -4.73 11.91 9.04
CA GLY A 134 -4.77 13.31 9.42
C GLY A 134 -5.00 14.36 8.36
N SER A 135 -5.19 15.60 8.84
CA SER A 135 -5.40 16.76 8.00
C SER A 135 -4.64 17.94 8.58
N MET A 136 -3.80 18.55 7.74
CA MET A 136 -2.93 19.66 8.12
C MET A 136 -3.54 20.68 9.11
N GLU A 137 -4.63 21.30 8.66
CA GLU A 137 -5.26 22.37 9.42
C GLU A 137 -5.65 21.88 10.81
N ALA A 138 -6.19 20.68 10.88
CA ALA A 138 -6.60 20.11 12.17
C ALA A 138 -5.46 20.12 13.16
N PHE A 139 -4.28 19.72 12.71
CA PHE A 139 -3.11 19.73 13.58
C PHE A 139 -2.71 21.13 14.03
N MET A 140 -2.64 22.08 13.11
CA MET A 140 -2.28 23.45 13.50
C MET A 140 -3.23 24.09 14.54
N ARG A 141 -4.52 23.86 14.40
CA ARG A 141 -5.50 24.45 15.32
C ARG A 141 -5.46 23.70 16.65
N LEU A 142 -5.30 22.39 16.58
CA LEU A 142 -5.23 21.57 17.78
C LEU A 142 -4.08 22.06 18.66
N VAL A 143 -2.93 22.34 18.06
CA VAL A 143 -1.79 22.84 18.83
C VAL A 143 -2.15 24.21 19.40
N GLU A 144 -2.82 25.05 18.61
CA GLU A 144 -3.27 26.34 19.13
C GLU A 144 -4.15 26.20 20.36
N SER A 145 -4.93 25.12 20.44
CA SER A 145 -5.76 24.84 21.61
C SER A 145 -4.91 24.65 22.87
N GLY A 146 -3.75 24.02 22.73
CA GLY A 146 -2.89 23.72 23.85
C GLY A 146 -2.65 22.23 24.10
N GLN A 147 -2.70 21.43 23.03
CA GLN A 147 -2.50 19.97 23.13
C GLN A 147 -1.62 19.45 22.00
N GLY A 148 -0.31 19.38 22.24
CA GLY A 148 0.59 18.67 21.35
C GLY A 148 1.55 19.53 20.55
N ILE A 149 2.13 18.92 19.52
CA ILE A 149 3.07 19.57 18.61
C ILE A 149 2.85 19.00 17.21
N THR A 150 3.10 19.81 16.21
CA THR A 150 3.18 19.33 14.83
C THR A 150 4.15 20.24 14.13
N PHE A 151 4.76 19.78 13.05
CA PHE A 151 5.68 20.62 12.30
C PHE A 151 4.96 21.05 11.02
N ILE A 152 5.44 22.11 10.40
CA ILE A 152 4.71 22.75 9.31
C ILE A 152 5.67 23.41 8.33
N PRO A 153 5.35 23.38 7.04
CA PRO A 153 6.18 24.00 6.01
C PRO A 153 6.23 25.52 6.11
N GLN A 154 7.43 26.08 5.98
CA GLN A 154 7.68 27.50 6.21
C GLN A 154 6.67 28.40 5.54
N LEU A 155 6.29 28.08 4.32
CA LEU A 155 5.35 28.91 3.58
C LEU A 155 4.14 29.30 4.45
N THR A 156 3.62 28.35 5.23
CA THR A 156 2.51 28.65 6.13
C THR A 156 2.73 29.84 7.04
N VAL A 157 3.90 29.92 7.65
CA VAL A 157 4.15 30.94 8.65
C VAL A 157 3.94 32.34 8.10
N GLU A 158 4.03 32.49 6.77
CA GLU A 158 3.91 33.80 6.15
C GLU A 158 2.47 34.29 6.16
N GLN A 159 1.52 33.37 6.33
CA GLN A 159 0.10 33.72 6.43
C GLN A 159 -0.43 33.66 7.87
N LEU A 160 0.44 33.78 8.88
CA LEU A 160 0.00 33.70 10.27
C LEU A 160 -0.03 35.05 10.97
N SER A 161 -1.11 35.27 11.71
CA SER A 161 -1.31 36.43 12.57
C SER A 161 -0.26 36.48 13.70
N PRO A 162 -0.24 37.56 14.49
CA PRO A 162 0.80 37.64 15.51
C PRO A 162 0.67 36.56 16.60
N SER A 163 -0.55 36.19 16.99
CA SER A 163 -0.72 35.17 18.02
C SER A 163 -0.27 33.75 17.62
N GLN A 164 -0.52 33.33 16.38
CA GLN A 164 0.02 32.07 15.84
C GLN A 164 1.54 32.11 15.79
N LYS A 165 2.07 33.22 15.26
CA LYS A 165 3.49 33.40 15.04
C LYS A 165 4.31 33.29 16.32
N GLU A 166 3.76 33.77 17.42
CA GLU A 166 4.45 33.73 18.71
C GLU A 166 4.85 32.32 19.17
N LEU A 167 4.12 31.30 18.70
CA LEU A 167 4.33 29.92 19.15
C LEU A 167 4.98 29.02 18.09
N VAL A 168 5.90 29.57 17.32
CA VAL A 168 6.70 28.75 16.41
C VAL A 168 8.08 28.59 17.00
N ARG A 169 8.71 27.47 16.72
CA ARG A 169 10.08 27.24 17.13
C ARG A 169 10.79 26.54 15.97
N PRO A 170 11.87 27.13 15.45
CA PRO A 170 12.55 26.52 14.29
C PRO A 170 13.33 25.28 14.63
N PHE A 171 13.85 24.60 13.62
CA PHE A 171 14.67 23.43 13.82
C PHE A 171 16.10 23.85 14.15
N GLY A 172 16.83 22.96 14.79
CA GLY A 172 18.24 23.21 15.06
C GLY A 172 18.99 22.89 13.80
N MET A 173 20.00 23.71 13.51
CA MET A 173 20.76 23.56 12.28
C MET A 173 21.41 22.17 12.30
N PRO A 174 21.51 21.51 11.13
CA PRO A 174 21.06 21.93 9.81
C PRO A 174 19.55 21.81 9.72
N ARG A 175 18.88 22.84 9.23
CA ARG A 175 17.42 22.87 9.25
C ARG A 175 16.88 22.09 8.05
N PRO A 176 15.84 21.27 8.27
CA PRO A 176 15.43 20.42 7.14
C PRO A 176 14.65 21.21 6.11
N VAL A 177 14.67 20.74 4.88
CA VAL A 177 14.01 21.43 3.79
C VAL A 177 13.55 20.38 2.79
N ARG A 178 12.37 20.60 2.23
CA ARG A 178 11.86 19.77 1.15
C ARG A 178 12.04 20.53 -0.16
N GLU A 179 11.73 19.88 -1.28
CA GLU A 179 11.95 20.47 -2.59
C GLU A 179 10.72 20.43 -3.47
N VAL A 180 10.11 21.60 -3.64
CA VAL A 180 8.98 21.74 -4.54
C VAL A 180 9.49 21.78 -5.97
N ARG A 181 8.83 21.02 -6.85
CA ARG A 181 9.22 20.91 -8.25
C ARG A 181 7.97 20.76 -9.10
N LEU A 182 8.07 21.06 -10.39
CA LEU A 182 6.95 20.91 -11.31
C LEU A 182 7.18 19.70 -12.19
N ALA A 183 6.26 18.75 -12.15
CA ALA A 183 6.46 17.44 -12.79
C ALA A 183 5.44 17.17 -13.89
N VAL A 184 5.93 16.73 -15.05
CA VAL A 184 5.09 16.45 -16.20
C VAL A 184 5.73 15.28 -16.94
N ARG A 185 5.00 14.62 -17.84
CA ARG A 185 5.60 13.60 -18.69
C ARG A 185 6.05 14.28 -19.97
N GLN A 186 7.23 13.88 -20.46
CA GLN A 186 7.83 14.46 -21.66
C GLN A 186 6.86 14.59 -22.85
N ASP A 187 6.20 13.52 -23.24
CA ASP A 187 5.21 13.59 -24.33
C ASP A 187 4.15 14.65 -24.06
N TYR A 188 4.47 15.89 -24.43
CA TYR A 188 3.59 17.04 -24.22
C TYR A 188 4.00 18.20 -25.12
N SER A 189 3.03 18.89 -25.71
CA SER A 189 3.28 19.87 -26.75
C SER A 189 3.73 21.23 -26.21
N ARG A 190 2.96 21.79 -25.29
CA ARG A 190 3.11 23.18 -24.88
C ARG A 190 4.27 23.44 -23.91
N ARG A 191 5.47 22.99 -24.27
CA ARG A 191 6.65 23.25 -23.46
C ARG A 191 6.84 24.76 -23.29
N LYS A 192 6.54 25.51 -24.35
CA LYS A 192 6.52 26.97 -24.30
C LYS A 192 5.80 27.47 -23.06
N LEU A 193 4.61 26.93 -22.82
CA LEU A 193 3.82 27.32 -21.65
C LEU A 193 4.40 26.77 -20.36
N ARG A 194 4.56 25.44 -20.28
CA ARG A 194 5.11 24.77 -19.09
C ARG A 194 6.26 25.54 -18.46
N GLU A 195 7.16 26.05 -19.30
CA GLU A 195 8.26 26.88 -18.84
C GLU A 195 7.73 28.14 -18.21
N GLN A 196 6.82 28.80 -18.92
CA GLN A 196 6.18 30.01 -18.45
C GLN A 196 5.78 29.71 -17.00
N LEU A 197 5.02 28.64 -16.82
CA LEU A 197 4.68 28.14 -15.48
C LEU A 197 5.86 27.94 -14.50
N ILE A 198 6.98 27.32 -14.89
CA ILE A 198 8.06 27.11 -13.91
C ILE A 198 8.61 28.45 -13.36
N GLY A 199 8.91 29.37 -14.26
CA GLY A 199 9.47 30.66 -13.89
C GLY A 199 8.46 31.48 -13.11
N LEU A 200 7.22 31.39 -13.54
CA LEU A 200 6.09 32.10 -12.94
C LEU A 200 5.82 31.70 -11.50
N LEU A 201 5.83 30.40 -11.24
CA LEU A 201 5.61 29.88 -9.90
C LEU A 201 6.76 30.34 -9.03
N ARG A 202 7.97 30.24 -9.58
CA ARG A 202 9.15 30.76 -8.91
C ARG A 202 9.01 32.25 -8.60
N SER A 203 8.41 33.00 -9.51
CA SER A 203 8.20 34.43 -9.30
C SER A 203 7.11 34.75 -8.26
N ALA A 204 6.16 33.83 -8.09
CA ALA A 204 5.06 34.02 -7.15
C ALA A 204 5.48 34.00 -5.68
N VAL A 205 6.62 33.37 -5.40
CA VAL A 205 7.07 33.18 -4.02
C VAL A 205 8.22 34.13 -3.69
N PRO A 206 8.50 34.34 -2.39
CA PRO A 206 9.59 35.24 -2.03
C PRO A 206 10.93 34.80 -2.64
N SER A 207 11.89 35.71 -2.72
CA SER A 207 13.14 35.43 -3.41
C SER A 207 14.08 34.52 -2.62
N ASP A 208 14.07 34.67 -1.31
CA ASP A 208 14.93 33.90 -0.42
C ASP A 208 14.85 32.38 -0.57
N MET A 209 13.71 31.87 -1.04
CA MET A 209 13.53 30.44 -1.26
C MET A 209 13.88 29.94 -2.67
N HIS A 210 14.89 30.52 -3.31
CA HIS A 210 15.36 30.00 -4.61
C HIS A 210 16.75 29.39 -4.49
N LYS A 211 17.52 29.84 -3.50
CA LYS A 211 18.89 29.40 -3.33
C LYS A 211 19.03 28.82 -1.95
N LEU A 212 19.52 27.59 -1.89
CA LEU A 212 19.70 26.89 -0.64
C LEU A 212 20.64 27.80 0.15
N GLN A 213 20.18 28.26 1.30
CA GLN A 213 20.84 29.35 2.01
C GLN A 213 22.08 28.88 2.80
N THR A 214 21.97 28.74 4.12
CA THR A 214 23.10 28.29 4.93
C THR A 214 22.49 27.71 6.19
N GLY A 215 22.68 26.42 6.40
CA GLY A 215 22.05 25.73 7.51
C GLY A 215 20.75 25.13 7.00
N GLN A 216 20.84 24.38 5.91
CA GLN A 216 19.67 23.82 5.26
C GLN A 216 20.02 22.47 4.63
N HIS A 217 19.16 21.48 4.83
CA HIS A 217 19.49 20.11 4.46
C HIS A 217 18.37 19.51 3.62
N LEU A 218 18.62 18.32 3.06
CA LEU A 218 17.72 17.64 2.14
C LEU A 218 17.61 18.46 0.86
N ARG B 3 -10.61 -0.63 23.72
CA ARG B 3 -10.33 0.45 22.78
C ARG B 3 -11.50 0.67 21.81
N LEU B 4 -11.83 1.94 21.57
CA LEU B 4 -12.86 2.32 20.63
C LEU B 4 -12.23 3.24 19.58
N ASN B 5 -12.86 3.31 18.40
CA ASN B 5 -12.38 4.17 17.32
C ASN B 5 -13.48 5.09 16.78
N ILE B 6 -13.34 6.39 17.02
CA ILE B 6 -14.28 7.39 16.52
C ILE B 6 -13.80 7.88 15.17
N ALA B 7 -14.74 8.30 14.33
CA ALA B 7 -14.41 8.84 13.01
C ALA B 7 -14.96 10.25 12.92
N VAL B 8 -14.34 11.07 12.08
CA VAL B 8 -14.74 12.46 11.96
C VAL B 8 -14.51 12.98 10.54
N LEU B 9 -15.32 13.93 10.13
CA LEU B 9 -15.23 14.56 8.81
C LEU B 9 -14.22 15.71 8.85
N PRO B 10 -13.52 15.99 7.74
CA PRO B 10 -12.56 17.11 7.74
C PRO B 10 -13.19 18.46 8.03
N THR B 11 -14.48 18.62 7.73
CA THR B 11 -15.16 19.89 7.95
C THR B 11 -15.55 20.09 9.41
N ILE B 12 -15.52 19.03 10.21
CA ILE B 12 -15.85 19.13 11.65
C ILE B 12 -14.62 18.93 12.53
N ALA B 13 -13.77 17.98 12.14
CA ALA B 13 -12.60 17.60 12.93
C ALA B 13 -11.81 18.78 13.50
N PRO B 14 -11.24 19.64 12.64
CA PRO B 14 -10.37 20.71 13.12
C PRO B 14 -11.03 21.71 14.08
N TYR B 15 -12.36 21.69 14.17
CA TYR B 15 -13.08 22.65 15.01
C TYR B 15 -13.65 22.01 16.27
N LEU B 16 -14.21 20.81 16.15
CA LEU B 16 -14.76 20.08 17.28
C LEU B 16 -13.68 19.46 18.15
N LEU B 17 -12.78 18.71 17.50
CA LEU B 17 -11.76 17.94 18.19
C LEU B 17 -10.97 18.74 19.23
N PRO B 18 -10.43 19.90 18.84
CA PRO B 18 -9.71 20.67 19.86
C PRO B 18 -10.53 20.89 21.12
N ARG B 19 -11.85 21.00 21.00
CA ARG B 19 -12.73 21.11 22.15
C ARG B 19 -12.94 19.77 22.86
N VAL B 20 -13.18 18.71 22.10
CA VAL B 20 -13.56 17.42 22.69
C VAL B 20 -12.42 16.65 23.38
N PHE B 21 -11.21 16.72 22.86
CA PHE B 21 -10.12 15.86 23.35
C PHE B 21 -9.92 15.89 24.87
N PRO B 22 -9.83 17.08 25.48
CA PRO B 22 -9.71 17.14 26.94
C PRO B 22 -10.84 16.42 27.66
N ILE B 23 -12.05 16.47 27.11
CA ILE B 23 -13.21 15.82 27.72
C ILE B 23 -13.04 14.31 27.69
N TRP B 24 -12.33 13.79 26.70
CA TRP B 24 -12.13 12.36 26.59
C TRP B 24 -11.22 11.86 27.72
N LYS B 25 -10.30 12.72 28.17
CA LYS B 25 -9.41 12.37 29.27
C LYS B 25 -10.07 12.33 30.65
N LYS B 26 -10.97 13.28 30.89
CA LYS B 26 -11.59 13.46 32.20
C LYS B 26 -12.80 12.55 32.39
N GLU B 27 -13.82 12.77 31.57
CA GLU B 27 -15.13 12.15 31.75
C GLU B 27 -15.12 10.63 31.53
N LEU B 28 -14.19 10.11 30.74
CA LEU B 28 -14.12 8.67 30.49
C LEU B 28 -13.13 7.97 31.39
N ALA B 29 -11.89 8.40 31.27
CA ALA B 29 -10.70 7.83 31.90
C ALA B 29 -10.13 6.81 30.93
N GLY B 30 -8.83 6.96 30.68
CA GLY B 30 -8.03 6.10 29.81
C GLY B 30 -8.65 4.93 29.07
N LEU B 31 -9.10 5.20 27.84
CA LEU B 31 -9.57 4.18 26.91
C LEU B 31 -8.91 4.50 25.58
N GLU B 32 -8.26 3.52 24.94
CA GLU B 32 -7.51 3.84 23.74
C GLU B 32 -8.42 4.28 22.60
N ILE B 33 -8.78 5.56 22.68
CA ILE B 33 -9.58 6.21 21.66
C ILE B 33 -8.64 6.90 20.69
N HIS B 34 -9.00 6.89 19.41
CA HIS B 34 -8.28 7.71 18.44
C HIS B 34 -9.20 8.22 17.35
N VAL B 35 -8.88 9.43 16.88
CA VAL B 35 -9.62 10.08 15.82
C VAL B 35 -9.12 9.59 14.47
N SER B 36 -10.02 9.49 13.51
CA SER B 36 -9.66 9.09 12.18
C SER B 36 -10.44 9.94 11.20
N GLU B 37 -9.73 10.83 10.52
CA GLU B 37 -10.33 11.73 9.55
C GLU B 37 -10.70 10.94 8.29
N MET B 38 -11.92 11.17 7.79
CA MET B 38 -12.45 10.40 6.68
C MET B 38 -13.60 11.16 6.05
N GLN B 39 -13.83 10.92 4.77
CA GLN B 39 -14.89 11.60 4.03
C GLN B 39 -16.25 11.04 4.48
N THR B 40 -17.33 11.74 4.13
CA THR B 40 -18.66 11.35 4.58
C THR B 40 -19.07 10.00 3.99
N SER B 41 -18.68 9.76 2.74
CA SER B 41 -19.05 8.52 2.07
C SER B 41 -18.27 7.32 2.60
N ARG B 42 -16.98 7.50 2.83
CA ARG B 42 -16.14 6.43 3.35
C ARG B 42 -16.43 6.12 4.83
N CYS B 43 -16.80 7.13 5.59
CA CYS B 43 -17.18 6.95 7.00
C CYS B 43 -18.25 5.88 7.10
N LEU B 44 -19.35 6.13 6.42
CA LEU B 44 -20.48 5.22 6.40
C LEU B 44 -20.06 3.81 5.98
N ALA B 45 -19.36 3.71 4.85
CA ALA B 45 -18.94 2.41 4.33
C ALA B 45 -18.05 1.66 5.29
N SER B 46 -17.33 2.40 6.11
CA SER B 46 -16.38 1.78 7.03
C SER B 46 -17.09 1.37 8.32
N LEU B 47 -18.15 2.08 8.69
CA LEU B 47 -18.97 1.66 9.82
C LEU B 47 -19.55 0.30 9.47
N LEU B 48 -20.02 0.17 8.23
CA LEU B 48 -20.59 -1.10 7.78
C LEU B 48 -19.53 -2.20 7.66
N SER B 49 -18.36 -1.85 7.14
CA SER B 49 -17.31 -2.83 6.92
C SER B 49 -16.70 -3.35 8.23
N GLY B 50 -16.71 -2.51 9.26
CA GLY B 50 -16.26 -2.92 10.58
C GLY B 50 -14.89 -2.39 10.96
N GLU B 51 -14.29 -1.56 10.10
CA GLU B 51 -12.95 -1.06 10.37
C GLU B 51 -13.04 0.07 11.39
N ILE B 52 -14.23 0.64 11.55
CA ILE B 52 -14.44 1.77 12.44
C ILE B 52 -15.74 1.60 13.24
N ASP B 53 -15.74 2.07 14.48
CA ASP B 53 -16.83 1.81 15.40
C ASP B 53 -17.83 2.97 15.57
N MET B 54 -17.40 4.20 15.28
CA MET B 54 -18.23 5.37 15.51
C MET B 54 -17.85 6.52 14.57
N ALA B 55 -18.84 7.34 14.19
CA ALA B 55 -18.57 8.44 13.26
C ALA B 55 -19.38 9.73 13.50
N ILE B 56 -18.67 10.83 13.75
CA ILE B 56 -19.27 12.15 13.76
C ILE B 56 -19.43 12.64 12.32
N ILE B 57 -20.66 12.54 11.81
CA ILE B 57 -20.93 12.86 10.40
C ILE B 57 -21.83 14.09 10.28
N ALA B 58 -22.04 14.55 9.05
CA ALA B 58 -22.74 15.80 8.78
C ALA B 58 -24.23 15.61 8.43
N SER B 59 -24.67 14.36 8.33
CA SER B 59 -26.06 14.08 7.99
C SER B 59 -26.53 12.85 8.75
N LYS B 60 -27.79 12.47 8.48
CA LYS B 60 -28.32 11.14 8.86
C LYS B 60 -27.67 10.07 7.99
N ALA B 61 -27.90 8.80 8.31
CA ALA B 61 -27.29 7.70 7.56
C ALA B 61 -28.14 7.24 6.38
N GLU B 62 -29.42 6.95 6.64
CA GLU B 62 -30.36 6.52 5.61
C GLU B 62 -29.77 5.33 4.85
N THR B 63 -29.21 4.40 5.60
CA THR B 63 -28.59 3.22 5.03
C THR B 63 -28.81 2.08 6.01
N GLU B 64 -29.32 0.96 5.53
CA GLU B 64 -29.65 -0.16 6.39
C GLU B 64 -28.45 -0.57 7.22
N GLY B 65 -28.69 -0.81 8.50
CA GLY B 65 -27.65 -1.22 9.41
C GLY B 65 -27.02 -0.04 10.13
N LEU B 66 -27.55 1.16 9.93
CA LEU B 66 -27.04 2.35 10.61
C LEU B 66 -28.09 3.19 11.29
N GLU B 67 -27.90 3.44 12.59
CA GLU B 67 -28.68 4.44 13.30
C GLU B 67 -27.86 5.71 13.29
N ASP B 68 -28.47 6.85 13.64
CA ASP B 68 -27.76 8.11 13.70
C ASP B 68 -28.51 9.05 14.61
N ASP B 69 -27.89 9.37 15.74
CA ASP B 69 -28.51 10.23 16.72
C ASP B 69 -27.97 11.64 16.57
N LEU B 70 -28.83 12.62 16.78
CA LEU B 70 -28.46 14.02 16.62
C LEU B 70 -27.60 14.49 17.77
N LEU B 71 -26.56 15.27 17.46
CA LEU B 71 -25.72 15.85 18.49
C LEU B 71 -25.97 17.35 18.69
N TYR B 72 -25.69 18.15 17.67
CA TYR B 72 -25.92 19.58 17.79
C TYR B 72 -26.10 20.23 16.43
N TYR B 73 -26.42 21.53 16.44
CA TYR B 73 -26.61 22.29 15.21
C TYR B 73 -25.50 23.29 15.02
N GLU B 74 -25.10 23.46 13.76
CA GLU B 74 -23.95 24.29 13.42
C GLU B 74 -24.29 25.10 12.18
N GLU B 75 -24.30 26.42 12.35
CA GLU B 75 -24.83 27.34 11.35
C GLU B 75 -23.77 27.74 10.33
N PHE B 76 -24.15 27.81 9.06
CA PHE B 76 -23.22 28.26 8.03
C PHE B 76 -23.13 29.76 8.05
N LEU B 77 -21.94 30.28 7.78
CA LEU B 77 -21.72 31.71 7.75
C LEU B 77 -20.88 32.09 6.56
N GLY B 78 -21.12 33.27 6.03
CA GLY B 78 -20.36 33.77 4.91
C GLY B 78 -18.96 34.16 5.34
N TYR B 79 -18.00 33.95 4.45
CA TYR B 79 -16.62 34.35 4.65
C TYR B 79 -16.26 35.14 3.40
N VAL B 80 -16.26 36.48 3.51
CA VAL B 80 -16.32 37.37 2.35
C VAL B 80 -15.05 38.22 2.27
N SER B 81 -14.28 38.06 1.19
CA SER B 81 -12.97 38.70 1.08
C SER B 81 -13.06 40.22 0.96
N ARG B 82 -11.98 40.89 1.37
CA ARG B 82 -11.89 42.36 1.44
C ARG B 82 -12.28 43.14 0.18
N CYS B 83 -12.03 42.55 -0.99
CA CYS B 83 -12.27 43.23 -2.28
C CYS B 83 -13.65 42.97 -2.89
N GLU B 84 -14.61 42.52 -2.08
CA GLU B 84 -15.97 42.27 -2.53
C GLU B 84 -16.93 43.39 -2.23
N PRO B 85 -18.00 43.48 -3.02
CA PRO B 85 -19.02 44.49 -2.74
C PRO B 85 -19.85 44.07 -1.52
N LEU B 86 -19.80 42.80 -1.12
CA LEU B 86 -20.54 42.31 0.04
C LEU B 86 -19.93 42.77 1.37
N PHE B 87 -18.63 43.08 1.35
CA PHE B 87 -17.95 43.57 2.54
C PHE B 87 -18.70 44.72 3.20
N GLU B 88 -19.38 45.52 2.40
CA GLU B 88 -20.12 46.66 2.92
C GLU B 88 -21.36 46.25 3.71
N GLN B 89 -22.03 45.18 3.29
CA GLN B 89 -23.22 44.74 3.99
C GLN B 89 -22.81 44.00 5.26
N ASP B 90 -23.74 43.92 6.21
CA ASP B 90 -23.51 43.24 7.48
C ASP B 90 -24.22 41.89 7.54
N VAL B 91 -24.68 41.39 6.40
CA VAL B 91 -25.37 40.11 6.36
C VAL B 91 -25.47 39.63 4.92
N ILE B 92 -25.29 38.32 4.73
CA ILE B 92 -25.34 37.70 3.42
C ILE B 92 -26.77 37.50 2.95
N ARG B 93 -27.20 38.33 2.00
CA ARG B 93 -28.46 38.08 1.32
C ARG B 93 -28.27 36.83 0.46
N THR B 94 -29.15 35.85 0.63
CA THR B 94 -28.98 34.54 -0.01
C THR B 94 -28.79 34.63 -1.54
N THR B 95 -29.32 35.68 -2.14
CA THR B 95 -29.35 35.82 -3.60
C THR B 95 -28.69 37.11 -4.09
N GLU B 96 -27.67 37.59 -3.37
CA GLU B 96 -26.91 38.77 -3.80
C GLU B 96 -25.43 38.49 -3.89
N VAL B 97 -25.09 37.24 -4.22
CA VAL B 97 -23.70 36.81 -4.33
C VAL B 97 -23.33 36.68 -5.80
N ASN B 98 -22.06 36.41 -6.08
CA ASN B 98 -21.60 36.25 -7.45
C ASN B 98 -21.07 34.84 -7.70
N PRO B 99 -21.51 34.18 -8.79
CA PRO B 99 -21.06 32.79 -8.99
C PRO B 99 -19.59 32.64 -9.35
N HIS B 100 -18.96 33.69 -9.86
CA HIS B 100 -17.56 33.59 -10.30
C HIS B 100 -16.55 33.98 -9.23
N ARG B 101 -16.87 33.74 -7.97
CA ARG B 101 -15.88 33.89 -6.89
C ARG B 101 -16.16 33.10 -5.60
N LEU B 102 -17.18 32.25 -5.59
CA LEU B 102 -17.47 31.43 -4.42
C LEU B 102 -16.65 30.16 -4.49
N TRP B 103 -16.28 29.61 -3.34
CA TRP B 103 -15.60 28.32 -3.31
C TRP B 103 -16.43 27.36 -2.50
N LEU B 104 -16.27 26.08 -2.82
CA LEU B 104 -17.03 25.02 -2.17
C LEU B 104 -16.25 23.73 -2.39
N LEU B 105 -16.62 22.68 -1.67
CA LEU B 105 -15.85 21.44 -1.69
C LEU B 105 -16.26 20.52 -2.84
N GLY B 108 -19.30 17.96 -3.42
CA GLY B 108 -19.92 16.65 -3.37
C GLY B 108 -20.22 16.22 -1.95
N HIS B 109 -19.20 16.23 -1.10
CA HIS B 109 -19.35 15.82 0.29
C HIS B 109 -19.91 16.96 1.14
N CYS B 110 -20.75 16.61 2.10
CA CYS B 110 -21.53 17.58 2.91
C CYS B 110 -20.87 18.92 3.20
N PHE B 111 -21.08 19.85 2.28
CA PHE B 111 -20.79 21.26 2.45
C PHE B 111 -21.42 21.97 1.25
N ARG B 112 -21.15 21.44 0.06
CA ARG B 112 -21.84 21.86 -1.15
C ARG B 112 -23.30 21.41 -1.13
N ASP B 113 -23.57 20.22 -0.60
CA ASP B 113 -24.92 19.66 -0.58
C ASP B 113 -25.96 20.65 -0.03
N GLN B 114 -25.64 21.29 1.09
CA GLN B 114 -26.55 22.27 1.67
C GLN B 114 -26.41 23.68 1.05
N LEU B 115 -25.21 24.03 0.58
CA LEU B 115 -24.94 25.36 0.04
C LEU B 115 -25.24 25.58 -1.46
N VAL B 116 -24.87 24.59 -2.27
CA VAL B 116 -25.12 24.62 -3.72
C VAL B 116 -26.61 24.53 -3.99
N ARG B 117 -27.30 23.81 -3.10
CA ARG B 117 -28.76 23.72 -3.09
C ARG B 117 -29.44 25.01 -3.58
N PHE B 118 -29.10 26.13 -2.97
CA PHE B 118 -29.64 27.44 -3.39
C PHE B 118 -28.60 28.43 -3.94
N CYS B 119 -27.31 28.15 -3.72
CA CYS B 119 -26.18 28.96 -4.20
C CYS B 119 -26.51 30.43 -4.51
N ALA B 130 -13.33 25.97 -11.06
CA ALA B 130 -11.94 25.73 -11.44
C ALA B 130 -11.10 25.36 -10.23
N TYR B 131 -11.65 24.49 -9.38
CA TYR B 131 -10.96 24.08 -8.16
C TYR B 131 -11.74 23.00 -7.40
N SER B 132 -11.48 21.72 -7.70
CA SER B 132 -12.16 20.61 -7.02
C SER B 132 -11.23 19.86 -6.07
N GLY B 133 -11.83 19.02 -5.21
CA GLY B 133 -11.09 18.24 -4.24
C GLY B 133 -10.50 19.05 -3.12
N GLY B 134 -11.07 20.24 -2.89
CA GLY B 134 -10.53 21.21 -1.97
C GLY B 134 -10.48 20.79 -0.52
N SER B 135 -9.89 21.66 0.30
CA SER B 135 -9.76 21.47 1.73
C SER B 135 -10.04 22.82 2.40
N MET B 136 -10.93 22.81 3.40
CA MET B 136 -11.40 24.03 4.07
C MET B 136 -10.38 25.16 4.18
N GLU B 137 -9.21 24.88 4.75
CA GLU B 137 -8.24 25.93 5.00
C GLU B 137 -7.83 26.71 3.76
N ALA B 138 -7.62 26.01 2.65
CA ALA B 138 -7.18 26.67 1.43
C ALA B 138 -8.12 27.79 0.99
N PHE B 139 -9.41 27.48 0.92
CA PHE B 139 -10.41 28.48 0.53
C PHE B 139 -10.48 29.59 1.55
N MET B 140 -10.50 29.19 2.82
CA MET B 140 -10.54 30.12 3.94
C MET B 140 -9.37 31.09 3.83
N ARG B 141 -8.24 30.63 3.31
CA ARG B 141 -7.08 31.50 3.18
C ARG B 141 -7.25 32.41 1.98
N LEU B 142 -7.80 31.89 0.89
CA LEU B 142 -8.01 32.69 -0.32
C LEU B 142 -8.83 33.92 0.03
N VAL B 143 -9.86 33.73 0.85
CA VAL B 143 -10.68 34.84 1.29
C VAL B 143 -9.88 35.82 2.16
N GLU B 144 -9.06 35.29 3.05
CA GLU B 144 -8.20 36.12 3.88
C GLU B 144 -7.22 36.93 3.04
N SER B 145 -6.79 36.32 1.93
CA SER B 145 -5.90 36.96 0.97
C SER B 145 -6.55 38.21 0.38
N GLY B 146 -7.85 38.14 0.15
CA GLY B 146 -8.60 39.24 -0.45
C GLY B 146 -9.16 38.87 -1.81
N GLN B 147 -9.36 37.58 -2.04
CA GLN B 147 -9.87 37.08 -3.31
C GLN B 147 -10.89 35.95 -3.14
N GLY B 148 -12.17 36.32 -3.07
CA GLY B 148 -13.25 35.35 -3.17
C GLY B 148 -14.14 35.25 -1.96
N ILE B 149 -14.91 34.17 -1.90
CA ILE B 149 -15.82 33.90 -0.78
C ILE B 149 -15.92 32.40 -0.53
N THR B 150 -16.08 32.02 0.73
CA THR B 150 -16.40 30.65 1.07
C THR B 150 -17.22 30.64 2.34
N PHE B 151 -17.84 29.50 2.61
CA PHE B 151 -18.67 29.34 3.78
C PHE B 151 -17.98 28.52 4.86
N ILE B 152 -18.50 28.64 6.08
CA ILE B 152 -17.83 28.10 7.24
C ILE B 152 -18.82 27.69 8.33
N PRO B 153 -18.53 26.59 9.04
CA PRO B 153 -19.35 26.19 10.18
C PRO B 153 -19.21 27.16 11.35
N GLN B 154 -20.33 27.57 11.96
CA GLN B 154 -20.32 28.57 13.02
C GLN B 154 -19.26 28.33 14.08
N LEU B 155 -19.12 27.07 14.49
CA LEU B 155 -18.20 26.69 15.54
C LEU B 155 -16.81 27.27 15.31
N THR B 156 -16.33 27.17 14.07
CA THR B 156 -15.05 27.74 13.67
C THR B 156 -14.83 29.25 13.86
N VAL B 157 -15.85 30.11 13.69
CA VAL B 157 -15.58 31.55 13.67
C VAL B 157 -14.86 32.06 14.92
N GLU B 158 -15.10 31.42 16.05
CA GLU B 158 -14.48 31.82 17.32
C GLU B 158 -13.04 31.33 17.49
N GLN B 159 -12.60 30.41 16.63
CA GLN B 159 -11.22 29.92 16.66
C GLN B 159 -10.34 30.68 15.64
N LEU B 160 -10.77 31.90 15.31
CA LEU B 160 -10.09 32.78 14.38
C LEU B 160 -9.43 33.92 15.16
N SER B 161 -8.24 34.35 14.71
CA SER B 161 -7.60 35.52 15.31
C SER B 161 -8.55 36.72 15.23
N PRO B 162 -8.28 37.78 16.01
CA PRO B 162 -9.24 38.89 15.95
C PRO B 162 -9.26 39.59 14.60
N SER B 163 -8.09 39.70 13.97
CA SER B 163 -7.98 40.28 12.64
C SER B 163 -8.65 39.38 11.59
N GLN B 164 -8.62 38.07 11.82
CA GLN B 164 -9.39 37.13 10.99
C GLN B 164 -10.92 37.29 11.14
N LYS B 165 -11.41 37.39 12.38
CA LYS B 165 -12.86 37.40 12.63
C LYS B 165 -13.64 38.52 11.92
N GLU B 166 -13.05 39.71 11.85
CA GLU B 166 -13.71 40.83 11.17
C GLU B 166 -14.10 40.48 9.73
N LEU B 167 -13.49 39.43 9.19
CA LEU B 167 -13.68 39.04 7.80
C LEU B 167 -14.73 37.91 7.64
N VAL B 168 -15.70 37.85 8.56
CA VAL B 168 -16.88 36.98 8.42
C VAL B 168 -18.16 37.83 8.37
N ARG B 169 -19.22 37.30 7.76
CA ARG B 169 -20.52 37.98 7.76
C ARG B 169 -21.67 36.98 7.94
N PRO B 170 -22.63 37.31 8.81
CA PRO B 170 -23.70 36.34 9.07
C PRO B 170 -24.59 36.15 7.86
N PHE B 171 -25.41 35.10 7.87
CA PHE B 171 -26.38 34.90 6.79
C PHE B 171 -27.67 35.66 7.12
N GLY B 172 -28.45 35.97 6.09
CA GLY B 172 -29.75 36.60 6.28
C GLY B 172 -30.84 35.59 6.55
N MET B 173 -31.72 35.90 7.50
CA MET B 173 -32.80 34.98 7.84
C MET B 173 -33.73 34.77 6.64
N PRO B 174 -34.17 33.53 6.43
CA PRO B 174 -33.84 32.34 7.22
C PRO B 174 -32.45 31.86 6.86
N ARG B 175 -31.57 31.71 7.84
CA ARG B 175 -30.18 31.35 7.53
C ARG B 175 -29.97 29.83 7.52
N PRO B 176 -29.20 29.33 6.53
CA PRO B 176 -29.08 27.88 6.37
C PRO B 176 -28.18 27.28 7.44
N VAL B 177 -28.39 26.00 7.74
CA VAL B 177 -27.68 25.32 8.81
C VAL B 177 -27.57 23.83 8.53
N ARG B 178 -26.44 23.23 8.91
CA ARG B 178 -26.33 21.77 8.91
C ARG B 178 -26.48 21.24 10.33
N GLU B 179 -26.50 19.91 10.45
CA GLU B 179 -26.65 19.26 11.74
C GLU B 179 -25.62 18.13 11.93
N VAL B 180 -24.66 18.36 12.82
CA VAL B 180 -23.68 17.31 13.12
C VAL B 180 -24.38 16.23 13.94
N ARG B 181 -24.09 14.98 13.63
CA ARG B 181 -24.71 13.85 14.30
C ARG B 181 -23.72 12.70 14.43
N LEU B 182 -23.97 11.82 15.39
CA LEU B 182 -23.11 10.66 15.60
C LEU B 182 -23.83 9.45 15.01
N ALA B 183 -23.15 8.80 14.08
CA ALA B 183 -23.74 7.72 13.31
C ALA B 183 -23.01 6.43 13.65
N VAL B 184 -23.80 5.39 13.92
CA VAL B 184 -23.28 4.11 14.33
C VAL B 184 -24.13 3.02 13.72
N ARG B 185 -23.68 1.78 13.85
CA ARG B 185 -24.40 0.64 13.31
C ARG B 185 -25.36 0.06 14.34
N GLN B 186 -26.57 -0.30 13.92
CA GLN B 186 -27.56 -0.87 14.83
C GLN B 186 -26.96 -2.03 15.62
N ASP B 187 -26.48 -3.05 14.93
CA ASP B 187 -25.79 -4.16 15.58
C ASP B 187 -24.53 -3.72 16.35
N TYR B 188 -24.70 -2.95 17.43
CA TYR B 188 -23.57 -2.48 18.20
C TYR B 188 -23.55 -3.18 19.54
N SER B 189 -22.36 -3.55 19.99
CA SER B 189 -22.22 -4.43 21.13
C SER B 189 -22.29 -3.66 22.45
N ARG B 190 -21.40 -2.68 22.58
CA ARG B 190 -21.14 -2.00 23.83
C ARG B 190 -22.13 -0.86 24.15
N ARG B 191 -23.18 -0.72 23.33
CA ARG B 191 -24.27 0.27 23.49
C ARG B 191 -24.20 1.25 24.68
N LYS B 192 -23.79 0.76 25.85
CA LYS B 192 -23.50 1.60 27.01
C LYS B 192 -22.66 2.81 26.60
N LEU B 193 -21.64 2.55 25.80
CA LEU B 193 -20.74 3.60 25.38
C LEU B 193 -21.47 4.57 24.46
N ARG B 194 -22.09 4.08 23.39
CA ARG B 194 -22.84 4.95 22.45
C ARG B 194 -23.59 6.04 23.21
N GLU B 195 -24.21 5.66 24.33
CA GLU B 195 -24.88 6.63 25.17
C GLU B 195 -23.86 7.60 25.78
N GLN B 196 -22.83 7.04 26.42
CA GLN B 196 -21.78 7.89 27.00
C GLN B 196 -21.24 8.91 25.99
N LEU B 197 -20.58 8.40 24.95
CA LEU B 197 -20.04 9.24 23.87
C LEU B 197 -21.03 10.29 23.33
N ILE B 198 -22.28 9.91 23.09
CA ILE B 198 -23.26 10.88 22.60
C ILE B 198 -23.35 12.06 23.57
N GLY B 199 -23.45 11.76 24.85
CA GLY B 199 -23.57 12.78 25.88
C GLY B 199 -22.35 13.69 25.95
N LEU B 200 -21.18 13.11 25.81
CA LEU B 200 -19.95 13.90 25.86
C LEU B 200 -19.83 14.87 24.69
N LEU B 201 -20.15 14.38 23.49
CA LEU B 201 -20.07 15.17 22.27
C LEU B 201 -21.01 16.36 22.33
N ARG B 202 -22.25 16.12 22.75
CA ARG B 202 -23.17 17.22 22.93
C ARG B 202 -22.57 18.18 23.97
N SER B 203 -21.92 17.62 24.99
CA SER B 203 -21.27 18.43 26.01
C SER B 203 -20.05 19.21 25.49
N ALA B 204 -19.43 18.74 24.41
CA ALA B 204 -18.25 19.40 23.86
C ALA B 204 -18.51 20.80 23.31
N VAL B 205 -19.72 21.06 22.82
CA VAL B 205 -20.04 22.36 22.22
C VAL B 205 -20.93 23.16 23.17
N PRO B 206 -20.97 24.49 23.01
CA PRO B 206 -21.84 25.27 23.90
C PRO B 206 -23.31 24.89 23.77
N SER B 207 -24.11 25.24 24.78
CA SER B 207 -25.52 24.87 24.81
C SER B 207 -26.37 25.75 23.87
N ASP B 208 -25.96 27.01 23.74
CA ASP B 208 -26.67 28.00 22.92
C ASP B 208 -27.02 27.58 21.49
N MET B 209 -26.27 26.63 20.92
CA MET B 209 -26.56 26.14 19.57
C MET B 209 -27.00 24.68 19.58
N HIS B 210 -27.77 24.31 20.62
CA HIS B 210 -28.29 22.95 20.76
C HIS B 210 -29.80 22.87 20.54
N LYS B 211 -30.49 24.00 20.69
CA LYS B 211 -31.94 24.03 20.50
C LYS B 211 -32.19 24.99 19.37
N LEU B 212 -32.83 24.48 18.32
CA LEU B 212 -33.06 25.27 17.12
C LEU B 212 -33.92 26.48 17.42
N GLN B 213 -33.33 27.66 17.27
CA GLN B 213 -34.01 28.90 17.60
C GLN B 213 -34.83 29.36 16.41
N THR B 214 -35.49 30.49 16.56
CA THR B 214 -36.28 31.06 15.48
C THR B 214 -35.36 31.57 14.38
N GLY B 215 -35.59 31.08 13.15
CA GLY B 215 -34.80 31.47 12.00
C GLY B 215 -33.68 30.53 11.57
N GLN B 216 -34.01 29.25 11.42
CA GLN B 216 -33.06 28.25 10.95
C GLN B 216 -33.89 27.19 10.22
N HIS B 217 -33.59 26.96 8.95
CA HIS B 217 -34.40 26.08 8.12
C HIS B 217 -33.57 25.15 7.23
N LEU B 218 -32.56 24.51 7.81
CA LEU B 218 -31.63 23.66 7.06
C LEU B 218 -31.03 24.43 5.89
N ARG C 3 34.07 -30.69 -3.41
CA ARG C 3 32.73 -30.31 -2.98
C ARG C 3 32.28 -29.03 -3.67
N LEU C 4 31.58 -29.18 -4.79
CA LEU C 4 31.04 -28.03 -5.50
C LEU C 4 29.69 -27.62 -4.93
N ASN C 5 29.44 -26.31 -4.91
CA ASN C 5 28.16 -25.77 -4.54
C ASN C 5 27.75 -24.75 -5.59
N ILE C 6 26.80 -25.10 -6.44
CA ILE C 6 26.32 -24.19 -7.47
C ILE C 6 25.14 -23.43 -6.90
N ALA C 7 24.92 -22.20 -7.38
CA ALA C 7 23.79 -21.40 -6.94
C ALA C 7 22.93 -21.11 -8.16
N VAL C 8 21.63 -20.95 -7.93
CA VAL C 8 20.70 -20.72 -9.03
C VAL C 8 19.54 -19.85 -8.54
N LEU C 9 18.89 -19.10 -9.43
CA LEU C 9 17.79 -18.23 -9.01
C LEU C 9 16.48 -18.97 -8.88
N PRO C 10 15.61 -18.54 -7.94
CA PRO C 10 14.29 -19.15 -7.79
C PRO C 10 13.44 -19.00 -9.05
N THR C 11 13.74 -17.97 -9.82
CA THR C 11 12.99 -17.64 -11.01
C THR C 11 13.34 -18.48 -12.25
N ILE C 12 14.52 -19.08 -12.25
CA ILE C 12 14.93 -19.95 -13.35
C ILE C 12 15.20 -21.40 -12.89
N ALA C 13 15.76 -21.57 -11.70
CA ALA C 13 16.11 -22.88 -11.15
C ALA C 13 15.05 -23.97 -11.30
N PRO C 14 13.86 -23.77 -10.71
CA PRO C 14 12.86 -24.84 -10.75
C PRO C 14 12.44 -25.28 -12.16
N TYR C 15 12.82 -24.52 -13.18
CA TYR C 15 12.42 -24.81 -14.55
C TYR C 15 13.61 -25.34 -15.35
N LEU C 16 14.78 -24.76 -15.12
CA LEU C 16 16.03 -25.19 -15.73
C LEU C 16 16.57 -26.47 -15.12
N LEU C 17 16.81 -26.41 -13.82
CA LEU C 17 17.44 -27.50 -13.08
C LEU C 17 16.85 -28.89 -13.28
N PRO C 18 15.51 -29.03 -13.12
CA PRO C 18 14.95 -30.38 -13.34
C PRO C 18 15.35 -31.00 -14.69
N ARG C 19 15.57 -30.17 -15.70
CA ARG C 19 16.01 -30.67 -16.99
C ARG C 19 17.49 -31.06 -16.98
N VAL C 20 18.33 -30.22 -16.38
CA VAL C 20 19.79 -30.43 -16.44
C VAL C 20 20.27 -31.58 -15.55
N PHE C 21 19.62 -31.78 -14.42
CA PHE C 21 20.11 -32.69 -13.39
C PHE C 21 20.53 -34.06 -13.94
N PRO C 22 19.66 -34.69 -14.76
CA PRO C 22 20.07 -35.93 -15.42
C PRO C 22 21.36 -35.76 -16.22
N ILE C 23 21.53 -34.61 -16.87
CA ILE C 23 22.74 -34.36 -17.63
C ILE C 23 23.95 -34.22 -16.70
N TRP C 24 23.72 -33.66 -15.51
CA TRP C 24 24.79 -33.51 -14.52
C TRP C 24 25.18 -34.85 -13.90
N LYS C 25 24.22 -35.77 -13.85
CA LYS C 25 24.48 -37.12 -13.35
C LYS C 25 25.36 -37.90 -14.33
N LYS C 26 25.14 -37.68 -15.61
CA LYS C 26 25.82 -38.46 -16.64
C LYS C 26 27.22 -37.91 -16.92
N GLU C 27 27.29 -36.71 -17.46
CA GLU C 27 28.58 -36.17 -17.91
C GLU C 27 29.49 -35.81 -16.74
N LEU C 28 28.89 -35.34 -15.65
CA LEU C 28 29.61 -34.99 -14.42
C LEU C 28 29.47 -36.04 -13.33
N ALA C 29 29.32 -37.29 -13.74
CA ALA C 29 29.16 -38.41 -12.83
C ALA C 29 30.29 -38.34 -11.81
N GLY C 30 29.95 -38.48 -10.53
CA GLY C 30 30.94 -38.50 -9.48
C GLY C 30 31.41 -37.12 -9.06
N LEU C 31 30.47 -36.19 -8.96
CA LEU C 31 30.76 -34.85 -8.46
C LEU C 31 29.69 -34.51 -7.44
N GLU C 32 30.10 -34.24 -6.22
CA GLU C 32 29.15 -33.90 -5.19
C GLU C 32 28.71 -32.48 -5.49
N ILE C 33 27.69 -32.36 -6.32
CA ILE C 33 27.14 -31.06 -6.68
C ILE C 33 26.15 -30.72 -5.61
N HIS C 34 26.04 -29.44 -5.31
CA HIS C 34 25.04 -28.96 -4.38
C HIS C 34 24.48 -27.68 -4.95
N VAL C 35 23.21 -27.73 -5.32
CA VAL C 35 22.53 -26.58 -5.88
C VAL C 35 21.94 -25.80 -4.70
N SER C 36 21.93 -24.48 -4.81
CA SER C 36 21.41 -23.65 -3.73
C SER C 36 20.59 -22.50 -4.31
N GLU C 37 19.29 -22.51 -4.04
CA GLU C 37 18.39 -21.47 -4.53
C GLU C 37 18.71 -20.18 -3.78
N MET C 38 18.88 -19.09 -4.53
CA MET C 38 19.38 -17.85 -3.95
C MET C 38 19.12 -16.67 -4.90
N GLN C 39 18.94 -15.47 -4.36
CA GLN C 39 18.69 -14.28 -5.19
C GLN C 39 19.98 -13.78 -5.86
N THR C 40 19.83 -12.93 -6.88
CA THR C 40 20.99 -12.41 -7.61
C THR C 40 21.85 -11.50 -6.74
N SER C 41 21.20 -10.71 -5.90
CA SER C 41 21.91 -9.75 -5.06
C SER C 41 22.64 -10.44 -3.92
N CYS C 43 23.66 -13.34 -4.69
CA CYS C 43 24.65 -14.21 -5.31
C CYS C 43 25.99 -13.52 -5.45
N LEU C 44 26.04 -12.41 -6.20
CA LEU C 44 27.30 -11.71 -6.45
C LEU C 44 28.06 -11.45 -5.15
N ALA C 45 27.39 -10.88 -4.17
CA ALA C 45 28.02 -10.55 -2.90
C ALA C 45 28.54 -11.82 -2.21
N SER C 46 27.91 -12.95 -2.53
CA SER C 46 28.30 -14.25 -2.01
C SER C 46 29.36 -14.94 -2.88
N LEU C 47 29.41 -14.60 -4.17
CA LEU C 47 30.47 -15.16 -5.03
C LEU C 47 31.83 -14.71 -4.52
N LEU C 48 31.90 -13.44 -4.14
CA LEU C 48 33.12 -12.85 -3.60
C LEU C 48 33.46 -13.37 -2.20
N SER C 49 32.43 -13.57 -1.37
CA SER C 49 32.63 -13.99 0.01
C SER C 49 33.17 -15.41 0.11
N GLY C 50 32.88 -16.24 -0.89
CA GLY C 50 33.45 -17.57 -0.98
C GLY C 50 32.50 -18.71 -0.70
N GLU C 51 31.21 -18.42 -0.52
CA GLU C 51 30.25 -19.47 -0.18
C GLU C 51 29.80 -20.28 -1.40
N ILE C 52 29.96 -19.72 -2.60
CA ILE C 52 29.55 -20.41 -3.83
C ILE C 52 30.57 -20.20 -4.95
N ASP C 53 30.70 -21.20 -5.82
CA ASP C 53 31.73 -21.21 -6.83
C ASP C 53 31.21 -20.73 -8.19
N MET C 54 29.90 -20.83 -8.37
CA MET C 54 29.27 -20.51 -9.64
C MET C 54 27.81 -20.17 -9.39
N ALA C 55 27.26 -19.23 -10.14
CA ALA C 55 25.88 -18.82 -9.94
C ALA C 55 25.16 -18.55 -11.25
N ILE C 56 24.10 -19.30 -11.53
CA ILE C 56 23.25 -19.05 -12.67
C ILE C 56 22.32 -17.88 -12.34
N ILE C 57 22.69 -16.71 -12.85
CA ILE C 57 22.01 -15.45 -12.54
C ILE C 57 21.29 -14.93 -13.78
N ALA C 58 20.55 -13.83 -13.63
CA ALA C 58 19.64 -13.39 -14.69
C ALA C 58 20.23 -12.31 -15.61
N SER C 59 21.36 -11.73 -15.23
CA SER C 59 21.99 -10.73 -16.06
C SER C 59 23.49 -10.78 -15.81
N LYS C 60 24.18 -9.72 -16.19
CA LYS C 60 25.60 -9.61 -15.84
C LYS C 60 25.84 -9.56 -14.33
N ALA C 61 27.11 -9.72 -13.94
CA ALA C 61 27.50 -9.70 -12.54
C ALA C 61 27.80 -8.25 -12.23
N GLU C 62 28.50 -7.61 -13.16
CA GLU C 62 28.81 -6.19 -13.07
C GLU C 62 29.54 -5.86 -11.77
N THR C 63 30.58 -6.65 -11.49
CA THR C 63 31.40 -6.49 -10.30
C THR C 63 32.85 -6.85 -10.55
N GLU C 64 33.73 -5.99 -10.05
CA GLU C 64 35.17 -6.16 -10.21
C GLU C 64 35.62 -7.53 -9.68
N GLY C 65 36.41 -8.23 -10.50
CA GLY C 65 36.93 -9.53 -10.13
C GLY C 65 36.05 -10.70 -10.56
N LEU C 66 34.96 -10.40 -11.28
CA LEU C 66 34.03 -11.42 -11.75
C LEU C 66 33.69 -11.26 -13.25
N GLU C 67 33.99 -12.31 -14.01
CA GLU C 67 33.55 -12.43 -15.41
C GLU C 67 32.24 -13.25 -15.41
N ASP C 68 31.57 -13.33 -16.56
CA ASP C 68 30.26 -14.00 -16.63
C ASP C 68 29.96 -14.58 -18.01
N ASP C 69 29.78 -15.91 -18.07
CA ASP C 69 29.57 -16.64 -19.31
C ASP C 69 28.08 -16.86 -19.65
N LEU C 70 27.77 -16.80 -20.94
CA LEU C 70 26.40 -16.90 -21.44
C LEU C 70 25.84 -18.32 -21.41
N LEU C 71 24.59 -18.47 -20.99
CA LEU C 71 23.90 -19.77 -21.07
C LEU C 71 22.88 -19.73 -22.21
N TYR C 72 21.82 -18.95 -22.03
CA TYR C 72 20.77 -18.83 -23.03
C TYR C 72 19.90 -17.58 -22.91
N TYR C 73 18.95 -17.45 -23.83
CA TYR C 73 17.94 -16.39 -23.81
C TYR C 73 16.60 -17.01 -23.44
N GLU C 74 15.83 -16.28 -22.62
CA GLU C 74 14.58 -16.80 -22.07
C GLU C 74 13.53 -15.69 -22.09
N GLU C 75 12.45 -15.93 -22.84
CA GLU C 75 11.47 -14.89 -23.17
C GLU C 75 10.34 -14.84 -22.15
N PHE C 76 9.89 -13.63 -21.83
CA PHE C 76 8.76 -13.45 -20.94
C PHE C 76 7.46 -13.60 -21.73
N LEU C 77 6.46 -14.19 -21.10
CA LEU C 77 5.16 -14.48 -21.72
C LEU C 77 4.03 -14.15 -20.77
N GLY C 78 2.88 -13.78 -21.32
CA GLY C 78 1.73 -13.47 -20.50
C GLY C 78 1.13 -14.71 -19.87
N TYR C 79 0.63 -14.58 -18.65
CA TYR C 79 -0.07 -15.68 -17.99
C TYR C 79 -1.37 -15.05 -17.45
N VAL C 80 -2.47 -15.28 -18.15
CA VAL C 80 -3.68 -14.47 -18.01
C VAL C 80 -4.87 -15.28 -17.56
N SER C 81 -5.59 -14.80 -16.54
CA SER C 81 -6.71 -15.56 -16.00
C SER C 81 -7.79 -15.74 -17.06
N ARG C 82 -8.47 -16.88 -16.99
CA ARG C 82 -9.56 -17.18 -17.92
C ARG C 82 -10.64 -16.09 -17.90
N CYS C 83 -10.92 -15.54 -16.73
CA CYS C 83 -11.99 -14.58 -16.58
C CYS C 83 -11.56 -13.11 -16.67
N GLU C 84 -10.36 -12.86 -17.19
CA GLU C 84 -9.90 -11.49 -17.40
C GLU C 84 -10.22 -11.15 -18.85
N PRO C 85 -10.45 -9.85 -19.15
CA PRO C 85 -10.73 -9.52 -20.55
C PRO C 85 -9.52 -9.55 -21.47
N LEU C 86 -8.31 -9.55 -20.92
CA LEU C 86 -7.12 -9.63 -21.76
C LEU C 86 -6.98 -11.05 -22.32
N PHE C 87 -7.57 -12.02 -21.62
CA PHE C 87 -7.62 -13.40 -22.11
C PHE C 87 -8.15 -13.49 -23.54
N GLU C 88 -9.04 -12.56 -23.89
CA GLU C 88 -9.66 -12.52 -25.21
C GLU C 88 -8.62 -12.22 -26.29
N GLN C 89 -7.57 -11.50 -25.92
CA GLN C 89 -6.54 -11.10 -26.88
C GLN C 89 -5.72 -12.33 -27.23
N ASP C 90 -5.01 -12.27 -28.35
CA ASP C 90 -4.17 -13.39 -28.79
C ASP C 90 -2.68 -13.10 -28.57
N VAL C 91 -2.38 -11.98 -27.93
CA VAL C 91 -1.01 -11.54 -27.68
C VAL C 91 -1.08 -10.34 -26.74
N ILE C 92 -0.11 -10.19 -25.85
CA ILE C 92 -0.11 -9.03 -24.97
C ILE C 92 0.30 -7.86 -25.84
N ARG C 93 -0.69 -7.05 -26.22
CA ARG C 93 -0.40 -5.79 -26.88
C ARG C 93 0.19 -4.87 -25.82
N THR C 94 1.30 -4.24 -26.17
CA THR C 94 2.12 -3.48 -25.23
C THR C 94 1.38 -2.46 -24.36
N THR C 95 0.22 -1.99 -24.79
CA THR C 95 -0.41 -0.85 -24.14
C THR C 95 -1.83 -1.05 -23.57
N GLU C 96 -2.12 -2.27 -23.12
CA GLU C 96 -3.39 -2.55 -22.44
C GLU C 96 -3.18 -3.31 -21.13
N VAL C 97 -2.12 -2.97 -20.41
CA VAL C 97 -1.76 -3.64 -19.16
C VAL C 97 -2.28 -2.84 -17.96
N ASN C 98 -3.05 -3.53 -17.10
CA ASN C 98 -3.66 -2.89 -15.93
C ASN C 98 -3.11 -3.38 -14.58
N PRO C 99 -2.66 -2.44 -13.71
CA PRO C 99 -2.14 -2.80 -12.38
C PRO C 99 -3.22 -3.23 -11.36
N HIS C 100 -4.23 -4.00 -11.77
CA HIS C 100 -5.34 -4.37 -10.90
C HIS C 100 -5.09 -5.68 -10.14
N ARG C 101 -5.60 -6.77 -10.70
CA ARG C 101 -5.32 -8.10 -10.18
C ARG C 101 -3.99 -8.60 -10.75
N LEU C 102 -3.26 -7.71 -11.43
CA LEU C 102 -1.95 -8.05 -11.93
C LEU C 102 -1.01 -7.94 -10.75
N TRP C 103 -0.10 -8.90 -10.63
CA TRP C 103 0.92 -8.87 -9.59
C TRP C 103 2.31 -9.12 -10.14
N LEU C 104 3.31 -8.78 -9.35
CA LEU C 104 4.70 -8.93 -9.73
C LEU C 104 5.52 -9.01 -8.45
N LEU C 105 6.80 -9.35 -8.58
CA LEU C 105 7.63 -9.60 -7.41
C LEU C 105 8.22 -8.33 -6.77
N ASP C 106 8.09 -8.25 -5.44
CA ASP C 106 8.50 -7.15 -4.55
C ASP C 106 9.28 -5.94 -5.18
N GLU C 107 10.34 -5.45 -4.52
CA GLU C 107 11.16 -4.38 -5.09
C GLU C 107 12.65 -4.71 -5.02
N GLY C 108 13.02 -5.89 -5.46
CA GLY C 108 14.41 -6.32 -5.36
C GLY C 108 14.85 -7.43 -6.29
N HIS C 109 13.99 -8.42 -6.50
CA HIS C 109 14.34 -9.56 -7.35
C HIS C 109 14.36 -9.15 -8.81
N CYS C 110 15.37 -9.62 -9.54
CA CYS C 110 15.61 -9.20 -10.92
C CYS C 110 14.78 -9.95 -11.99
N PHE C 111 13.52 -10.25 -11.68
CA PHE C 111 12.56 -10.73 -12.66
C PHE C 111 11.56 -9.64 -13.01
N ARG C 112 11.05 -8.99 -11.96
CA ARG C 112 10.16 -7.87 -12.13
C ARG C 112 10.87 -6.70 -12.76
N ASP C 113 12.14 -6.50 -12.43
CA ASP C 113 12.89 -5.37 -12.95
C ASP C 113 12.83 -5.27 -14.49
N GLN C 114 13.01 -6.41 -15.15
CA GLN C 114 13.03 -6.47 -16.61
C GLN C 114 11.63 -6.38 -17.22
N LEU C 115 10.64 -6.83 -16.45
CA LEU C 115 9.29 -6.86 -16.96
C LEU C 115 8.68 -5.47 -16.90
N VAL C 116 9.04 -4.74 -15.85
CA VAL C 116 8.57 -3.38 -15.68
C VAL C 116 9.26 -2.51 -16.73
N ARG C 117 10.55 -2.78 -16.95
CA ARG C 117 11.30 -2.19 -18.06
C ARG C 117 10.54 -2.24 -19.38
N PHE C 118 10.14 -3.44 -19.81
CA PHE C 118 9.36 -3.54 -21.05
C PHE C 118 7.98 -2.91 -20.93
N CYS C 119 7.27 -3.28 -19.87
CA CYS C 119 5.96 -2.70 -19.58
C CYS C 119 6.10 -1.22 -19.19
N GLN C 120 5.30 -0.72 -18.25
CA GLN C 120 5.32 0.70 -17.91
C GLN C 120 4.62 0.98 -16.59
N THR C 129 -1.16 -3.39 -6.20
CA THR C 129 -0.78 -4.78 -6.39
C THR C 129 -1.27 -5.61 -5.20
N ALA C 130 -1.23 -4.99 -4.03
CA ALA C 130 -1.64 -5.59 -2.77
C ALA C 130 -1.14 -7.03 -2.59
N TYR C 131 0.17 -7.24 -2.74
CA TYR C 131 0.78 -8.55 -2.58
C TYR C 131 2.29 -8.49 -2.82
N SER C 132 3.05 -8.29 -1.75
CA SER C 132 4.51 -8.21 -1.84
C SER C 132 5.12 -9.49 -1.28
N GLY C 133 6.41 -9.70 -1.55
CA GLY C 133 7.06 -10.92 -1.11
C GLY C 133 6.60 -12.11 -1.93
N GLY C 134 6.19 -11.85 -3.17
CA GLY C 134 5.51 -12.84 -3.99
C GLY C 134 6.29 -14.12 -4.23
N SER C 135 5.61 -15.09 -4.83
CA SER C 135 6.20 -16.39 -5.13
C SER C 135 5.73 -16.85 -6.51
N MET C 136 6.68 -17.21 -7.37
CA MET C 136 6.37 -17.65 -8.74
C MET C 136 5.14 -18.55 -8.81
N GLU C 137 5.21 -19.71 -8.17
CA GLU C 137 4.13 -20.69 -8.24
C GLU C 137 2.83 -20.12 -7.67
N ALA C 138 2.93 -19.35 -6.59
CA ALA C 138 1.74 -18.77 -5.97
C ALA C 138 0.94 -18.03 -7.02
N PHE C 139 1.63 -17.24 -7.84
CA PHE C 139 0.97 -16.54 -8.93
C PHE C 139 0.43 -17.53 -9.96
N MET C 140 1.22 -18.56 -10.26
CA MET C 140 0.79 -19.60 -11.20
C MET C 140 -0.54 -20.23 -10.78
N ARG C 141 -0.75 -20.38 -9.47
CA ARG C 141 -1.97 -20.99 -8.94
C ARG C 141 -3.14 -20.01 -8.94
N LEU C 142 -2.88 -18.78 -8.49
CA LEU C 142 -3.89 -17.72 -8.42
C LEU C 142 -4.48 -17.39 -9.78
N VAL C 143 -3.61 -17.25 -10.78
CA VAL C 143 -4.03 -16.97 -12.13
C VAL C 143 -4.87 -18.12 -12.69
N GLU C 144 -4.44 -19.34 -12.42
CA GLU C 144 -5.18 -20.54 -12.83
C GLU C 144 -6.58 -20.64 -12.21
N SER C 145 -6.72 -20.13 -11.00
CA SER C 145 -8.02 -20.09 -10.33
C SER C 145 -9.01 -19.28 -11.17
N GLY C 146 -8.50 -18.21 -11.77
CA GLY C 146 -9.30 -17.33 -12.60
C GLY C 146 -9.41 -15.90 -12.09
N GLN C 147 -8.40 -15.45 -11.35
CA GLN C 147 -8.37 -14.08 -10.83
C GLN C 147 -6.97 -13.48 -10.91
N GLY C 148 -6.71 -12.77 -12.02
CA GLY C 148 -5.55 -11.91 -12.16
C GLY C 148 -4.61 -12.28 -13.30
N ILE C 149 -3.43 -11.65 -13.31
CA ILE C 149 -2.44 -11.86 -14.36
C ILE C 149 -1.01 -11.76 -13.84
N THR C 150 -0.10 -12.51 -14.44
CA THR C 150 1.33 -12.30 -14.22
C THR C 150 2.09 -12.79 -15.44
N PHE C 151 3.36 -12.40 -15.53
CA PHE C 151 4.21 -12.78 -16.64
C PHE C 151 5.21 -13.87 -16.22
N ILE C 152 5.74 -14.63 -17.18
CA ILE C 152 6.56 -15.81 -16.90
C ILE C 152 7.60 -16.16 -17.98
N PRO C 153 8.77 -16.69 -17.58
CA PRO C 153 9.86 -17.15 -18.47
C PRO C 153 9.49 -18.39 -19.30
N GLN C 154 9.89 -18.46 -20.57
CA GLN C 154 9.46 -19.54 -21.49
C GLN C 154 9.43 -20.94 -20.87
N LEU C 155 10.50 -21.71 -21.02
CA LEU C 155 10.63 -23.10 -20.54
C LEU C 155 9.53 -23.63 -19.60
N THR C 156 9.10 -22.80 -18.66
CA THR C 156 8.04 -23.15 -17.70
C THR C 156 6.84 -23.82 -18.36
N VAL C 157 6.46 -23.28 -19.52
CA VAL C 157 5.27 -23.67 -20.27
C VAL C 157 5.23 -25.16 -20.65
N GLU C 158 6.40 -25.78 -20.75
CA GLU C 158 6.47 -27.17 -21.16
C GLU C 158 6.05 -28.14 -20.06
N GLN C 159 5.95 -27.65 -18.83
CA GLN C 159 5.45 -28.45 -17.71
C GLN C 159 3.95 -28.20 -17.47
N LEU C 160 3.23 -27.75 -18.49
CA LEU C 160 1.81 -27.44 -18.34
C LEU C 160 0.88 -28.46 -18.98
N SER C 161 -0.19 -28.82 -18.27
CA SER C 161 -1.27 -29.64 -18.80
C SER C 161 -1.91 -28.86 -19.95
N PRO C 162 -2.83 -29.49 -20.71
CA PRO C 162 -3.39 -28.73 -21.84
C PRO C 162 -4.27 -27.56 -21.40
N SER C 163 -5.15 -27.84 -20.44
CA SER C 163 -6.01 -26.82 -19.85
C SER C 163 -5.20 -25.86 -18.99
N GLN C 164 -4.09 -26.35 -18.42
CA GLN C 164 -3.15 -25.47 -17.74
C GLN C 164 -2.49 -24.49 -18.72
N LYS C 165 -1.99 -25.06 -19.81
CA LYS C 165 -1.25 -24.33 -20.83
C LYS C 165 -2.04 -23.25 -21.58
N GLU C 166 -3.32 -23.50 -21.83
CA GLU C 166 -4.17 -22.56 -22.59
C GLU C 166 -4.15 -21.12 -22.06
N LEU C 167 -3.73 -20.91 -20.81
CA LEU C 167 -3.82 -19.59 -20.21
C LEU C 167 -2.54 -18.76 -20.27
N VAL C 168 -1.76 -18.95 -21.34
CA VAL C 168 -0.64 -18.05 -21.61
C VAL C 168 -0.96 -17.28 -22.88
N ARG C 169 -0.42 -16.08 -22.99
CA ARG C 169 -0.53 -15.29 -24.21
C ARG C 169 0.83 -14.66 -24.42
N PRO C 170 1.44 -14.85 -25.59
CA PRO C 170 2.80 -14.31 -25.72
C PRO C 170 2.81 -12.81 -25.85
N PHE C 171 3.97 -12.19 -25.73
CA PHE C 171 4.09 -10.76 -25.97
C PHE C 171 4.19 -10.55 -27.47
N GLY C 172 3.82 -9.35 -27.92
CA GLY C 172 3.95 -9.00 -29.32
C GLY C 172 5.36 -8.55 -29.62
N MET C 173 5.88 -8.93 -30.78
CA MET C 173 7.26 -8.59 -31.11
C MET C 173 7.37 -7.07 -31.15
N PRO C 174 8.46 -6.51 -30.59
CA PRO C 174 9.58 -7.23 -29.99
C PRO C 174 9.20 -7.85 -28.65
N ARG C 175 9.48 -9.14 -28.53
CA ARG C 175 9.06 -9.88 -27.35
C ARG C 175 10.19 -9.71 -26.34
N PRO C 176 9.87 -9.41 -25.08
CA PRO C 176 10.98 -9.07 -24.19
C PRO C 176 11.69 -10.33 -23.77
N VAL C 177 12.97 -10.23 -23.40
CA VAL C 177 13.75 -11.41 -23.11
C VAL C 177 14.83 -11.10 -22.08
N ARG C 178 15.13 -12.09 -21.24
CA ARG C 178 16.26 -12.04 -20.34
C ARG C 178 17.41 -12.85 -20.91
N GLU C 179 18.55 -12.79 -20.25
CA GLU C 179 19.68 -13.64 -20.61
C GLU C 179 20.26 -14.24 -19.34
N VAL C 180 19.95 -15.51 -19.10
CA VAL C 180 20.55 -16.21 -17.97
C VAL C 180 21.98 -16.55 -18.29
N ARG C 181 22.83 -16.38 -17.29
CA ARG C 181 24.25 -16.59 -17.44
C ARG C 181 24.81 -17.17 -16.16
N LEU C 182 25.94 -17.86 -16.28
CA LEU C 182 26.62 -18.42 -15.12
C LEU C 182 27.81 -17.52 -14.79
N ALA C 183 27.86 -17.07 -13.55
CA ALA C 183 28.80 -16.06 -13.11
C ALA C 183 29.77 -16.69 -12.12
N VAL C 184 31.05 -16.41 -12.33
CA VAL C 184 32.12 -16.98 -11.52
C VAL C 184 33.19 -15.89 -11.45
N ARG C 185 34.18 -16.08 -10.59
CA ARG C 185 35.29 -15.11 -10.49
C ARG C 185 36.42 -15.49 -11.42
N GLN C 186 37.01 -14.48 -12.06
CA GLN C 186 38.16 -14.66 -12.94
C GLN C 186 39.18 -15.52 -12.23
N ASP C 187 39.50 -15.13 -11.00
CA ASP C 187 40.40 -15.86 -10.10
C ASP C 187 39.98 -17.31 -9.73
N TYR C 188 39.43 -18.08 -10.67
CA TYR C 188 38.92 -19.41 -10.38
C TYR C 188 39.77 -20.48 -11.05
N SER C 189 39.98 -21.57 -10.33
CA SER C 189 40.94 -22.60 -10.70
C SER C 189 40.39 -23.54 -11.77
N ARG C 190 39.22 -24.11 -11.52
CA ARG C 190 38.69 -25.22 -12.32
C ARG C 190 38.10 -24.79 -13.66
N ARG C 191 38.87 -24.07 -14.48
CA ARG C 191 38.40 -23.67 -15.80
C ARG C 191 38.01 -24.88 -16.64
N LYS C 192 38.74 -25.98 -16.48
CA LYS C 192 38.37 -27.24 -17.14
C LYS C 192 36.88 -27.49 -16.96
N LEU C 193 36.42 -27.37 -15.72
CA LEU C 193 35.01 -27.57 -15.42
C LEU C 193 34.18 -26.42 -15.95
N ARG C 194 34.47 -25.20 -15.51
CA ARG C 194 33.70 -24.04 -15.91
C ARG C 194 33.28 -24.09 -17.39
N GLU C 195 34.21 -24.42 -18.26
CA GLU C 195 33.90 -24.60 -19.67
C GLU C 195 33.04 -25.86 -19.90
N GLN C 196 33.53 -27.00 -19.42
CA GLN C 196 32.78 -28.25 -19.53
C GLN C 196 31.33 -28.15 -19.01
N LEU C 197 31.21 -27.94 -17.70
CA LEU C 197 29.92 -27.68 -17.03
C LEU C 197 29.02 -26.64 -17.69
N ILE C 198 29.57 -25.49 -18.06
CA ILE C 198 28.74 -24.46 -18.68
C ILE C 198 28.11 -24.98 -19.98
N GLY C 199 28.90 -25.59 -20.86
CA GLY C 199 28.39 -26.08 -22.14
C GLY C 199 27.37 -27.20 -22.06
N LEU C 200 27.64 -28.20 -21.22
CA LEU C 200 26.71 -29.31 -21.06
C LEU C 200 25.40 -28.74 -20.53
N LEU C 201 25.50 -27.74 -19.67
CA LEU C 201 24.33 -27.06 -19.14
C LEU C 201 23.55 -26.41 -20.29
N ARG C 202 24.26 -25.75 -21.20
CA ARG C 202 23.61 -25.17 -22.39
C ARG C 202 22.86 -26.22 -23.21
N SER C 203 23.41 -27.43 -23.27
CA SER C 203 22.77 -28.53 -23.99
C SER C 203 21.41 -28.95 -23.42
N ALA C 204 21.14 -28.62 -22.16
CA ALA C 204 19.90 -29.02 -21.51
C ALA C 204 18.62 -28.43 -22.12
N VAL C 205 18.73 -27.27 -22.76
CA VAL C 205 17.55 -26.54 -23.23
C VAL C 205 17.38 -26.69 -24.74
N PRO C 206 16.17 -26.37 -25.27
CA PRO C 206 15.89 -26.46 -26.71
C PRO C 206 16.86 -25.68 -27.60
N SER C 207 16.74 -25.90 -28.90
CA SER C 207 17.71 -25.40 -29.88
C SER C 207 17.76 -23.87 -29.98
N ASP C 208 16.61 -23.21 -29.76
CA ASP C 208 16.53 -21.74 -29.76
C ASP C 208 17.57 -21.16 -28.79
N MET C 209 17.11 -20.67 -27.65
CA MET C 209 17.92 -20.46 -26.45
C MET C 209 19.38 -19.98 -26.53
N HIS C 210 20.22 -20.57 -27.39
CA HIS C 210 21.62 -20.11 -27.46
C HIS C 210 21.84 -19.19 -28.67
N LYS C 211 20.78 -18.59 -29.18
CA LYS C 211 20.89 -17.66 -30.29
C LYS C 211 19.76 -16.62 -30.24
N LEU C 212 20.14 -15.34 -30.17
CA LEU C 212 19.15 -14.26 -30.14
C LEU C 212 18.31 -14.26 -31.42
N GLN C 213 17.00 -14.41 -31.25
CA GLN C 213 16.11 -14.54 -32.39
C GLN C 213 15.77 -13.16 -32.92
N THR C 214 14.92 -13.10 -33.94
CA THR C 214 14.53 -11.85 -34.56
C THR C 214 13.20 -11.36 -33.96
N GLY C 215 13.21 -10.17 -33.37
CA GLY C 215 12.05 -9.67 -32.66
C GLY C 215 12.21 -9.95 -31.18
N GLN C 216 13.33 -9.48 -30.59
CA GLN C 216 13.64 -9.78 -29.20
C GLN C 216 14.44 -8.65 -28.54
N HIS C 217 14.04 -8.27 -27.32
CA HIS C 217 14.56 -7.08 -26.63
C HIS C 217 15.05 -7.30 -25.20
N LEU C 218 16.29 -6.87 -24.94
CA LEU C 218 16.89 -6.98 -23.61
C LEU C 218 16.69 -5.69 -22.81
N ALA C 219 17.65 -4.78 -22.90
CA ALA C 219 17.67 -3.57 -22.08
C ALA C 219 17.72 -2.34 -22.99
N LEU D 4 -6.65 -2.80 6.34
CA LEU D 4 -6.28 -4.06 6.98
C LEU D 4 -5.24 -4.79 6.14
N ASN D 5 -4.27 -5.43 6.80
CA ASN D 5 -3.28 -6.27 6.11
C ASN D 5 -2.97 -7.56 6.88
N ILE D 6 -3.42 -8.70 6.38
CA ILE D 6 -3.11 -9.99 6.99
C ILE D 6 -1.90 -10.66 6.32
N ALA D 7 -1.19 -11.53 7.05
CA ALA D 7 -0.05 -12.27 6.48
C ALA D 7 -0.28 -13.77 6.57
N VAL D 8 0.40 -14.53 5.73
CA VAL D 8 0.24 -15.97 5.69
C VAL D 8 1.57 -16.64 5.34
N LEU D 9 1.70 -17.90 5.74
CA LEU D 9 2.93 -18.66 5.54
C LEU D 9 3.01 -19.19 4.10
N PRO D 10 4.24 -19.43 3.60
CA PRO D 10 4.41 -19.88 2.21
C PRO D 10 3.66 -21.14 1.79
N THR D 11 3.40 -22.07 2.72
CA THR D 11 2.67 -23.28 2.38
C THR D 11 1.15 -23.07 2.37
N ILE D 12 0.71 -21.90 2.80
CA ILE D 12 -0.71 -21.56 2.82
C ILE D 12 -1.05 -20.57 1.72
N ALA D 13 -0.16 -19.62 1.44
CA ALA D 13 -0.42 -18.62 0.42
C ALA D 13 -0.97 -19.21 -0.89
N PRO D 14 -0.20 -20.05 -1.58
CA PRO D 14 -0.64 -20.55 -2.89
C PRO D 14 -1.92 -21.40 -2.91
N TYR D 15 -2.38 -21.88 -1.75
CA TYR D 15 -3.56 -22.75 -1.69
C TYR D 15 -4.80 -22.15 -1.03
N LEU D 16 -4.63 -21.45 0.07
CA LEU D 16 -5.76 -20.85 0.75
C LEU D 16 -6.20 -19.62 -0.05
N LEU D 17 -5.24 -18.76 -0.39
CA LEU D 17 -5.54 -17.49 -1.07
C LEU D 17 -6.46 -17.66 -2.29
N PRO D 18 -6.10 -18.55 -3.25
CA PRO D 18 -7.01 -18.73 -4.39
C PRO D 18 -8.44 -19.02 -3.97
N ARG D 19 -8.62 -19.70 -2.85
CA ARG D 19 -9.95 -19.99 -2.32
C ARG D 19 -10.60 -18.77 -1.67
N VAL D 20 -9.84 -18.03 -0.86
CA VAL D 20 -10.42 -16.94 -0.08
C VAL D 20 -10.80 -15.70 -0.89
N PHE D 21 -9.95 -15.32 -1.83
CA PHE D 21 -10.13 -14.05 -2.54
C PHE D 21 -11.49 -13.85 -3.24
N PRO D 22 -11.90 -14.82 -4.08
CA PRO D 22 -13.22 -14.69 -4.73
C PRO D 22 -14.36 -14.51 -3.73
N ILE D 23 -14.27 -15.19 -2.60
CA ILE D 23 -15.30 -15.09 -1.56
C ILE D 23 -15.17 -13.72 -0.87
N TRP D 24 -13.94 -13.22 -0.79
CA TRP D 24 -13.66 -11.90 -0.22
C TRP D 24 -14.12 -10.75 -1.10
N LYS D 25 -14.23 -11.00 -2.40
CA LYS D 25 -14.71 -9.97 -3.32
C LYS D 25 -16.18 -9.63 -3.02
N LYS D 26 -16.96 -10.65 -2.64
CA LYS D 26 -18.39 -10.46 -2.39
C LYS D 26 -18.72 -9.99 -0.98
N GLU D 27 -18.46 -10.84 0.01
CA GLU D 27 -18.90 -10.58 1.39
C GLU D 27 -18.15 -9.44 2.08
N LEU D 28 -16.87 -9.27 1.76
CA LEU D 28 -16.03 -8.24 2.38
C LEU D 28 -15.83 -7.01 1.48
N ALA D 29 -16.67 -6.86 0.46
CA ALA D 29 -16.54 -5.79 -0.52
C ALA D 29 -16.34 -4.43 0.16
N GLY D 30 -15.34 -3.70 -0.32
CA GLY D 30 -15.01 -2.39 0.23
C GLY D 30 -14.10 -2.55 1.44
N LEU D 31 -13.13 -3.46 1.31
CA LEU D 31 -12.10 -3.64 2.33
C LEU D 31 -10.73 -3.72 1.67
N GLU D 32 -9.84 -2.82 2.06
CA GLU D 32 -8.50 -2.78 1.50
C GLU D 32 -7.64 -3.89 2.08
N ILE D 33 -7.71 -5.07 1.48
CA ILE D 33 -6.94 -6.20 1.96
C ILE D 33 -5.55 -6.17 1.32
N HIS D 34 -4.55 -6.59 2.07
CA HIS D 34 -3.21 -6.75 1.52
C HIS D 34 -2.56 -7.97 2.16
N VAL D 35 -2.41 -9.04 1.39
CA VAL D 35 -1.75 -10.25 1.89
C VAL D 35 -0.25 -10.13 1.61
N SER D 36 0.58 -10.61 2.52
CA SER D 36 2.02 -10.55 2.34
C SER D 36 2.73 -11.79 2.89
N GLU D 37 3.40 -12.51 2.01
CA GLU D 37 4.09 -13.74 2.37
C GLU D 37 5.27 -13.51 3.30
N MET D 38 5.38 -14.34 4.33
CA MET D 38 6.39 -14.17 5.37
C MET D 38 6.57 -15.49 6.12
N GLN D 39 7.76 -15.70 6.67
CA GLN D 39 8.07 -16.94 7.39
C GLN D 39 7.33 -17.00 8.72
N THR D 40 7.33 -18.19 9.32
CA THR D 40 6.58 -18.41 10.57
C THR D 40 7.10 -17.57 11.72
N SER D 41 8.41 -17.32 11.75
CA SER D 41 9.01 -16.54 12.82
C SER D 41 8.65 -15.08 12.69
N ARG D 42 8.63 -14.59 11.44
CA ARG D 42 8.29 -13.21 11.17
C ARG D 42 6.82 -12.92 11.45
N CYS D 43 5.97 -13.92 11.23
CA CYS D 43 4.54 -13.78 11.52
C CYS D 43 4.29 -13.39 12.96
N LEU D 44 4.68 -14.27 13.88
CA LEU D 44 4.53 -14.00 15.30
C LEU D 44 5.21 -12.69 15.70
N ALA D 45 6.46 -12.55 15.30
CA ALA D 45 7.25 -11.38 15.66
C ALA D 45 6.71 -10.05 15.11
N SER D 46 6.01 -10.09 13.97
CA SER D 46 5.51 -8.86 13.34
C SER D 46 4.09 -8.46 13.73
N LEU D 47 3.23 -9.44 13.99
CA LEU D 47 1.87 -9.17 14.45
C LEU D 47 1.92 -8.47 15.81
N LEU D 48 2.82 -8.94 16.66
CA LEU D 48 3.01 -8.37 17.98
C LEU D 48 3.64 -6.98 17.87
N SER D 49 4.55 -6.81 16.91
CA SER D 49 5.26 -5.55 16.72
C SER D 49 4.30 -4.45 16.26
N GLY D 50 3.22 -4.83 15.59
CA GLY D 50 2.16 -3.91 15.23
C GLY D 50 2.08 -3.54 13.75
N GLU D 51 2.93 -4.15 12.92
CA GLU D 51 2.97 -3.84 11.50
C GLU D 51 1.84 -4.56 10.75
N ILE D 52 1.30 -5.62 11.35
CA ILE D 52 0.27 -6.45 10.74
C ILE D 52 -0.81 -6.83 11.77
N ASP D 53 -2.04 -6.99 11.31
CA ASP D 53 -3.16 -7.14 12.24
C ASP D 53 -3.58 -8.59 12.51
N MET D 54 -3.35 -9.49 11.56
CA MET D 54 -3.77 -10.89 11.74
C MET D 54 -2.99 -11.81 10.78
N ALA D 55 -2.72 -13.05 11.19
CA ALA D 55 -1.89 -13.95 10.37
C ALA D 55 -2.32 -15.43 10.35
N ILE D 56 -2.50 -15.98 9.15
CA ILE D 56 -2.79 -17.41 9.01
C ILE D 56 -1.50 -18.19 9.21
N ILE D 57 -1.35 -18.84 10.36
CA ILE D 57 -0.11 -19.52 10.72
C ILE D 57 -0.28 -21.04 10.69
N ALA D 58 0.83 -21.76 10.84
CA ALA D 58 0.85 -23.21 10.60
C ALA D 58 0.73 -24.06 11.87
N SER D 59 0.78 -23.43 13.04
CA SER D 59 0.69 -24.15 14.29
C SER D 59 -0.05 -23.28 15.29
N LYS D 60 -0.13 -23.71 16.54
CA LYS D 60 -0.60 -22.83 17.59
C LYS D 60 0.48 -21.78 17.77
N ALA D 61 0.19 -20.69 18.48
CA ALA D 61 1.15 -19.61 18.58
C ALA D 61 2.08 -19.81 19.76
N GLU D 62 1.51 -20.09 20.93
CA GLU D 62 2.28 -20.36 22.13
C GLU D 62 3.27 -19.22 22.40
N THR D 63 2.77 -18.00 22.33
CA THR D 63 3.58 -16.81 22.55
C THR D 63 2.74 -15.75 23.24
N GLU D 64 3.30 -15.17 24.30
CA GLU D 64 2.59 -14.17 25.08
C GLU D 64 2.10 -13.00 24.23
N GLY D 65 0.83 -12.64 24.44
CA GLY D 65 0.23 -11.51 23.74
C GLY D 65 -0.48 -11.84 22.44
N LEU D 66 -0.56 -13.11 22.06
CA LEU D 66 -1.30 -13.49 20.86
C LEU D 66 -2.24 -14.65 21.13
N GLU D 67 -3.51 -14.45 20.81
CA GLU D 67 -4.47 -15.55 20.79
C GLU D 67 -4.49 -16.11 19.38
N ASP D 68 -5.05 -17.30 19.20
CA ASP D 68 -5.13 -17.89 17.87
C ASP D 68 -6.21 -18.96 17.77
N ASP D 69 -7.23 -18.67 16.96
CA ASP D 69 -8.35 -19.58 16.77
C ASP D 69 -8.14 -20.42 15.51
N LEU D 70 -8.59 -21.67 15.58
CA LEU D 70 -8.40 -22.63 14.50
C LEU D 70 -9.28 -22.35 13.29
N LEU D 71 -8.72 -22.61 12.11
CA LEU D 71 -9.45 -22.54 10.85
C LEU D 71 -9.75 -23.96 10.40
N TYR D 72 -8.70 -24.71 10.09
CA TYR D 72 -8.89 -26.09 9.65
C TYR D 72 -7.65 -26.95 9.84
N TYR D 73 -7.79 -28.24 9.53
CA TYR D 73 -6.70 -29.19 9.59
C TYR D 73 -6.31 -29.57 8.15
N GLU D 74 -5.02 -29.74 7.92
CA GLU D 74 -4.49 -29.92 6.58
C GLU D 74 -3.44 -31.01 6.56
N GLU D 75 -3.73 -32.09 5.83
CA GLU D 75 -2.90 -33.29 5.88
C GLU D 75 -1.82 -33.26 4.81
N PHE D 76 -0.62 -33.68 5.17
CA PHE D 76 0.46 -33.80 4.21
C PHE D 76 0.26 -35.10 3.44
N LEU D 77 0.67 -35.11 2.19
CA LEU D 77 0.51 -36.26 1.31
C LEU D 77 1.80 -36.48 0.55
N GLY D 78 2.07 -37.75 0.22
CA GLY D 78 3.24 -38.14 -0.55
C GLY D 78 3.12 -37.77 -2.01
N TYR D 79 4.26 -37.44 -2.62
CA TYR D 79 4.33 -37.09 -4.03
C TYR D 79 5.43 -37.87 -4.76
N VAL D 80 5.06 -38.91 -5.51
CA VAL D 80 6.01 -39.92 -5.99
C VAL D 80 5.99 -40.02 -7.52
N SER D 81 7.18 -39.84 -8.12
CA SER D 81 7.33 -39.88 -9.58
C SER D 81 7.15 -41.29 -10.13
N ARG D 82 6.74 -41.38 -11.38
CA ARG D 82 6.51 -42.66 -12.06
C ARG D 82 7.66 -43.65 -11.93
N CYS D 83 8.89 -43.14 -11.86
CA CYS D 83 10.08 -43.99 -11.83
C CYS D 83 10.54 -44.36 -10.40
N GLU D 84 9.65 -44.22 -9.41
CA GLU D 84 9.94 -44.62 -8.03
C GLU D 84 9.38 -46.00 -7.72
N PRO D 85 9.97 -46.70 -6.72
CA PRO D 85 9.47 -48.02 -6.32
C PRO D 85 8.16 -47.96 -5.53
N LEU D 86 7.78 -46.78 -5.06
CA LEU D 86 6.54 -46.61 -4.32
C LEU D 86 5.29 -46.71 -5.21
N PHE D 87 5.46 -46.49 -6.51
CA PHE D 87 4.35 -46.60 -7.47
C PHE D 87 3.53 -47.90 -7.34
N GLU D 88 4.16 -48.99 -6.94
CA GLU D 88 3.45 -50.26 -6.80
C GLU D 88 2.50 -50.27 -5.57
N GLN D 89 2.90 -49.58 -4.51
CA GLN D 89 2.09 -49.51 -3.29
C GLN D 89 0.90 -48.55 -3.47
N ASP D 90 -0.08 -48.65 -2.59
CA ASP D 90 -1.27 -47.81 -2.66
C ASP D 90 -1.26 -46.65 -1.66
N VAL D 91 -0.15 -46.49 -0.94
CA VAL D 91 0.01 -45.45 0.09
C VAL D 91 1.50 -45.43 0.43
N ILE D 92 2.04 -44.28 0.78
CA ILE D 92 3.45 -44.22 1.13
C ILE D 92 3.63 -44.88 2.50
N ARG D 93 4.32 -46.01 2.50
CA ARG D 93 4.74 -46.66 3.73
C ARG D 93 5.75 -45.73 4.41
N THR D 94 5.53 -45.45 5.68
CA THR D 94 6.28 -44.42 6.40
C THR D 94 7.80 -44.57 6.28
N THR D 95 8.27 -45.80 6.07
CA THR D 95 9.69 -46.10 6.04
C THR D 95 10.08 -46.77 4.72
N GLU D 96 9.35 -46.43 3.65
CA GLU D 96 9.70 -46.88 2.31
C GLU D 96 9.79 -45.67 1.39
N VAL D 97 10.18 -44.53 1.96
CA VAL D 97 10.32 -43.30 1.20
C VAL D 97 11.79 -42.98 0.98
N ASN D 98 12.66 -43.98 1.16
CA ASN D 98 14.12 -43.85 1.06
C ASN D 98 14.62 -42.40 1.23
N PRO D 99 15.01 -42.03 2.47
CA PRO D 99 15.30 -40.61 2.77
C PRO D 99 16.51 -39.98 2.05
N HIS D 100 17.11 -40.68 1.09
CA HIS D 100 18.23 -40.18 0.31
C HIS D 100 17.75 -39.53 -1.00
N ARG D 101 16.55 -39.92 -1.44
CA ARG D 101 15.96 -39.40 -2.67
C ARG D 101 14.67 -38.59 -2.51
N LEU D 102 14.22 -38.38 -1.28
CA LEU D 102 13.06 -37.52 -1.04
C LEU D 102 13.59 -36.11 -0.94
N TRP D 103 12.78 -35.11 -1.32
CA TRP D 103 13.18 -33.72 -1.17
C TRP D 103 12.17 -32.96 -0.31
N LEU D 104 12.66 -31.90 0.34
CA LEU D 104 11.87 -31.12 1.28
C LEU D 104 12.54 -29.78 1.56
N LEU D 105 11.87 -28.90 2.30
CA LEU D 105 12.35 -27.56 2.60
C LEU D 105 13.51 -27.63 3.62
N ASP D 106 13.94 -26.48 4.13
CA ASP D 106 15.11 -26.44 5.01
C ASP D 106 14.82 -26.88 6.47
N GLU D 107 15.33 -26.15 7.47
CA GLU D 107 15.17 -26.51 8.88
C GLU D 107 14.67 -25.32 9.72
N GLY D 108 13.59 -24.70 9.27
CA GLY D 108 13.07 -23.51 9.93
C GLY D 108 11.60 -23.21 9.66
N HIS D 109 11.15 -23.45 8.43
CA HIS D 109 9.77 -23.17 8.08
C HIS D 109 8.91 -24.21 8.81
N CYS D 110 7.76 -23.82 9.36
CA CYS D 110 6.96 -24.76 10.17
C CYS D 110 6.09 -25.70 9.32
N PHE D 111 6.58 -26.07 8.15
CA PHE D 111 5.94 -27.08 7.31
C PHE D 111 6.83 -28.31 7.18
N ARG D 112 8.09 -28.10 6.83
CA ARG D 112 9.07 -29.18 6.85
C ARG D 112 9.44 -29.58 8.28
N ASP D 113 9.66 -28.59 9.14
CA ASP D 113 10.12 -28.83 10.51
C ASP D 113 9.26 -29.83 11.29
N GLN D 114 7.95 -29.73 11.12
CA GLN D 114 7.00 -30.61 11.80
C GLN D 114 7.03 -32.00 11.18
N LEU D 115 7.38 -32.08 9.90
CA LEU D 115 7.46 -33.34 9.19
C LEU D 115 8.80 -34.03 9.45
N VAL D 116 9.84 -33.27 9.80
CA VAL D 116 11.14 -33.86 10.08
C VAL D 116 10.97 -34.84 11.24
N ARG D 117 10.19 -34.45 12.23
CA ARG D 117 9.75 -35.37 13.27
C ARG D 117 9.21 -36.68 12.70
N THR D 129 21.18 -31.93 1.99
CA THR D 129 19.95 -32.04 1.23
C THR D 129 20.22 -32.02 -0.29
N ALA D 130 21.44 -31.70 -0.69
CA ALA D 130 21.80 -31.54 -2.11
C ALA D 130 20.96 -30.52 -2.87
N TYR D 131 20.23 -29.68 -2.12
CA TYR D 131 19.39 -28.64 -2.68
C TYR D 131 18.84 -27.83 -1.51
N SER D 132 19.55 -26.78 -1.12
CA SER D 132 19.14 -25.96 0.02
C SER D 132 18.56 -24.61 -0.40
N GLY D 133 17.88 -23.97 0.53
CA GLY D 133 17.20 -22.70 0.28
C GLY D 133 16.02 -22.89 -0.65
N GLY D 134 15.55 -24.13 -0.75
CA GLY D 134 14.57 -24.54 -1.74
C GLY D 134 13.21 -23.87 -1.66
N SER D 135 12.37 -24.20 -2.64
CA SER D 135 10.99 -23.71 -2.72
C SER D 135 10.13 -24.90 -3.16
N MET D 136 9.07 -25.17 -2.39
CA MET D 136 8.19 -26.32 -2.59
C MET D 136 7.95 -26.72 -4.05
N GLU D 137 7.47 -25.79 -4.85
CA GLU D 137 7.09 -26.06 -6.23
C GLU D 137 8.24 -26.70 -7.01
N ALA D 138 9.46 -26.24 -6.74
CA ALA D 138 10.65 -26.80 -7.39
C ALA D 138 10.71 -28.31 -7.22
N PHE D 139 10.49 -28.77 -5.99
CA PHE D 139 10.49 -30.19 -5.71
C PHE D 139 9.35 -30.84 -6.48
N MET D 140 8.18 -30.19 -6.47
CA MET D 140 7.06 -30.71 -7.24
C MET D 140 7.42 -30.87 -8.72
N ARG D 141 8.26 -30.00 -9.27
CA ARG D 141 8.60 -30.09 -10.68
C ARG D 141 9.54 -31.27 -10.95
N LEU D 142 10.57 -31.41 -10.11
CA LEU D 142 11.55 -32.48 -10.26
C LEU D 142 10.87 -33.85 -10.19
N VAL D 143 9.99 -34.00 -9.21
CA VAL D 143 9.23 -35.22 -9.02
C VAL D 143 8.27 -35.47 -10.18
N GLU D 144 7.64 -34.41 -10.66
CA GLU D 144 6.74 -34.54 -11.81
C GLU D 144 7.49 -35.08 -13.02
N SER D 145 8.75 -34.67 -13.17
CA SER D 145 9.61 -35.20 -14.22
C SER D 145 9.88 -36.68 -14.02
N GLY D 146 10.78 -36.99 -13.09
CA GLY D 146 11.15 -38.38 -12.82
C GLY D 146 12.24 -38.63 -11.80
N GLN D 147 12.41 -37.73 -10.82
CA GLN D 147 13.46 -37.86 -9.80
C GLN D 147 12.95 -37.50 -8.42
N GLY D 148 12.53 -38.50 -7.67
CA GLY D 148 12.37 -38.33 -6.23
C GLY D 148 10.98 -38.49 -5.67
N ILE D 149 10.84 -38.02 -4.44
CA ILE D 149 9.58 -38.05 -3.72
C ILE D 149 9.55 -36.72 -2.97
N THR D 150 8.38 -36.18 -2.73
CA THR D 150 8.28 -35.02 -1.84
C THR D 150 6.90 -34.98 -1.20
N PHE D 151 6.77 -34.19 -0.13
CA PHE D 151 5.50 -34.07 0.55
C PHE D 151 4.83 -32.77 0.19
N ILE D 152 3.51 -32.73 0.33
CA ILE D 152 2.75 -31.54 -0.04
C ILE D 152 1.53 -31.41 0.86
N PRO D 153 1.17 -30.17 1.22
CA PRO D 153 -0.06 -30.01 2.01
C PRO D 153 -1.26 -30.39 1.15
N GLN D 154 -2.23 -31.10 1.72
CA GLN D 154 -3.33 -31.69 0.97
C GLN D 154 -3.91 -30.75 -0.07
N LEU D 155 -4.72 -29.79 0.35
CA LEU D 155 -5.41 -28.81 -0.52
C LEU D 155 -5.00 -28.82 -2.01
N THR D 156 -3.69 -28.93 -2.25
CA THR D 156 -3.12 -29.01 -3.59
C THR D 156 -3.90 -29.96 -4.50
N VAL D 157 -4.46 -31.02 -3.93
CA VAL D 157 -5.10 -32.09 -4.69
C VAL D 157 -6.16 -31.59 -5.68
N GLU D 158 -6.85 -30.49 -5.38
CA GLU D 158 -7.88 -30.01 -6.34
C GLU D 158 -7.28 -29.22 -7.50
N GLN D 159 -6.04 -28.75 -7.32
CA GLN D 159 -5.30 -28.02 -8.34
C GLN D 159 -4.27 -28.84 -9.15
N LEU D 160 -4.43 -30.16 -9.23
CA LEU D 160 -3.50 -31.00 -10.00
C LEU D 160 -4.12 -31.47 -11.31
N SER D 161 -3.34 -31.42 -12.38
CA SER D 161 -3.72 -32.00 -13.65
C SER D 161 -3.91 -33.50 -13.45
N PRO D 162 -4.46 -34.20 -14.45
CA PRO D 162 -4.68 -35.64 -14.22
C PRO D 162 -3.36 -36.40 -14.08
N SER D 163 -2.36 -36.00 -14.85
CA SER D 163 -1.03 -36.61 -14.79
C SER D 163 -0.35 -36.29 -13.46
N GLN D 164 -0.56 -35.08 -12.97
CA GLN D 164 -0.08 -34.68 -11.66
C GLN D 164 -0.73 -35.48 -10.53
N LYS D 165 -2.06 -35.58 -10.57
CA LYS D 165 -2.79 -36.27 -9.52
C LYS D 165 -2.36 -37.74 -9.45
N GLU D 166 -2.12 -38.33 -10.62
CA GLU D 166 -1.67 -39.72 -10.70
C GLU D 166 -0.38 -40.00 -9.92
N LEU D 167 0.43 -38.96 -9.72
CA LEU D 167 1.74 -39.12 -9.10
C LEU D 167 1.77 -38.73 -7.63
N VAL D 168 0.64 -38.90 -6.94
CA VAL D 168 0.59 -38.74 -5.49
C VAL D 168 0.29 -40.07 -4.83
N ARG D 169 0.72 -40.22 -3.57
CA ARG D 169 0.36 -41.37 -2.77
C ARG D 169 0.03 -40.93 -1.36
N PRO D 170 -1.14 -41.31 -0.83
CA PRO D 170 -1.48 -40.82 0.50
C PRO D 170 -0.60 -41.47 1.57
N PHE D 171 -0.70 -40.99 2.80
CA PHE D 171 0.05 -41.58 3.90
C PHE D 171 -0.64 -42.83 4.43
N GLY D 172 0.13 -43.69 5.07
CA GLY D 172 -0.43 -44.85 5.75
C GLY D 172 -0.91 -44.40 7.10
N MET D 173 -2.08 -44.89 7.52
CA MET D 173 -2.66 -44.45 8.79
C MET D 173 -1.73 -44.81 9.95
N PRO D 174 -1.60 -43.91 10.94
CA PRO D 174 -2.22 -42.59 11.07
C PRO D 174 -1.54 -41.52 10.20
N ARG D 175 -2.33 -40.78 9.43
CA ARG D 175 -1.79 -39.81 8.48
C ARG D 175 -1.50 -38.47 9.15
N PRO D 176 -0.33 -37.86 8.87
CA PRO D 176 0.06 -36.64 9.59
C PRO D 176 -0.62 -35.38 9.06
N VAL D 177 -0.79 -34.38 9.93
CA VAL D 177 -1.50 -33.16 9.56
C VAL D 177 -0.98 -31.97 10.38
N ARG D 178 -1.00 -30.79 9.78
CA ARG D 178 -0.77 -29.55 10.50
C ARG D 178 -2.15 -28.95 10.78
N GLU D 179 -2.20 -27.84 11.51
CA GLU D 179 -3.46 -27.18 11.84
C GLU D 179 -3.37 -25.70 11.52
N VAL D 180 -4.06 -25.30 10.45
CA VAL D 180 -4.07 -23.91 10.04
C VAL D 180 -5.01 -23.11 10.95
N ARG D 181 -4.54 -21.96 11.41
CA ARG D 181 -5.30 -21.13 12.35
C ARG D 181 -5.03 -19.65 12.15
N LEU D 182 -5.93 -18.81 12.64
CA LEU D 182 -5.78 -17.36 12.56
C LEU D 182 -5.29 -16.80 13.88
N ALA D 183 -4.20 -16.05 13.82
CA ALA D 183 -3.55 -15.55 15.03
C ALA D 183 -3.70 -14.05 15.07
N VAL D 184 -4.13 -13.55 16.22
CA VAL D 184 -4.36 -12.12 16.40
C VAL D 184 -4.00 -11.76 17.84
N ARG D 185 -3.88 -10.46 18.10
CA ARG D 185 -3.55 -9.98 19.43
C ARG D 185 -4.79 -9.53 20.20
N GLN D 186 -4.80 -9.83 21.51
CA GLN D 186 -5.86 -9.40 22.40
C GLN D 186 -6.13 -7.91 22.20
N ASP D 187 -5.05 -7.14 22.22
CA ASP D 187 -5.08 -5.68 22.02
C ASP D 187 -5.79 -5.14 20.76
N TYR D 188 -5.87 -5.93 19.69
CA TYR D 188 -6.46 -5.44 18.45
C TYR D 188 -7.91 -4.99 18.69
N SER D 189 -8.32 -3.92 18.02
CA SER D 189 -9.58 -3.26 18.32
C SER D 189 -10.82 -3.97 17.79
N ARG D 190 -10.83 -4.24 16.48
CA ARG D 190 -12.05 -4.68 15.80
C ARG D 190 -12.36 -6.16 16.00
N ARG D 191 -12.99 -6.49 17.13
CA ARG D 191 -13.47 -7.85 17.39
C ARG D 191 -14.48 -8.24 16.32
N LYS D 192 -15.27 -7.25 15.90
CA LYS D 192 -16.22 -7.40 14.79
C LYS D 192 -15.57 -8.12 13.61
N LEU D 193 -14.39 -7.63 13.21
CA LEU D 193 -13.66 -8.20 12.08
C LEU D 193 -13.14 -9.58 12.40
N ARG D 194 -12.35 -9.68 13.47
CA ARG D 194 -11.78 -10.96 13.91
C ARG D 194 -12.76 -12.12 13.80
N GLU D 195 -13.99 -11.88 14.20
CA GLU D 195 -15.06 -12.87 14.06
C GLU D 195 -15.39 -13.09 12.59
N GLN D 196 -15.67 -11.99 11.89
CA GLN D 196 -15.98 -12.06 10.46
C GLN D 196 -14.94 -12.88 9.69
N LEU D 197 -13.71 -12.37 9.61
CA LEU D 197 -12.61 -13.11 8.98
C LEU D 197 -12.40 -14.55 9.46
N ILE D 198 -12.45 -14.79 10.77
CA ILE D 198 -12.22 -16.15 11.25
C ILE D 198 -13.19 -17.18 10.67
N GLY D 199 -14.49 -16.93 10.80
CA GLY D 199 -15.48 -17.87 10.30
C GLY D 199 -15.56 -17.95 8.78
N LEU D 200 -15.53 -16.78 8.15
CA LEU D 200 -15.64 -16.64 6.71
C LEU D 200 -14.50 -17.36 6.01
N LEU D 201 -13.30 -17.16 6.52
CA LEU D 201 -12.11 -17.79 6.01
C LEU D 201 -12.15 -19.31 6.25
N ARG D 202 -12.61 -19.72 7.44
CA ARG D 202 -12.79 -21.13 7.74
C ARG D 202 -13.68 -21.83 6.72
N SER D 203 -14.69 -21.13 6.21
CA SER D 203 -15.57 -21.66 5.18
C SER D 203 -14.86 -21.95 3.85
N ALA D 204 -13.68 -21.37 3.63
CA ALA D 204 -12.97 -21.48 2.36
C ALA D 204 -12.56 -22.90 1.94
N VAL D 205 -12.40 -23.80 2.90
CA VAL D 205 -11.89 -25.15 2.59
C VAL D 205 -13.06 -26.14 2.66
N PRO D 206 -12.96 -27.31 2.00
CA PRO D 206 -14.05 -28.31 2.03
C PRO D 206 -14.40 -28.79 3.44
N SER D 207 -15.49 -29.54 3.55
CA SER D 207 -15.99 -29.92 4.86
C SER D 207 -15.04 -30.88 5.57
N ASP D 208 -14.43 -31.79 4.81
CA ASP D 208 -13.43 -32.72 5.35
C ASP D 208 -12.21 -32.05 5.99
N MET D 209 -12.39 -31.13 6.94
CA MET D 209 -11.26 -30.46 7.60
C MET D 209 -11.56 -30.02 9.04
N HIS D 210 -12.37 -30.79 9.77
CA HIS D 210 -12.68 -30.48 11.16
C HIS D 210 -12.40 -31.66 12.11
N LYS D 211 -12.25 -31.34 13.39
CA LYS D 211 -11.97 -32.31 14.44
C LYS D 211 -10.66 -33.06 14.19
N LEU D 212 -10.69 -34.10 13.35
CA LEU D 212 -9.49 -34.89 13.09
C LEU D 212 -9.75 -36.03 12.12
N GLN D 213 -10.84 -36.78 12.37
CA GLN D 213 -11.21 -37.98 11.63
C GLN D 213 -10.57 -39.22 12.24
N THR D 214 -11.37 -40.30 12.33
CA THR D 214 -10.92 -41.54 12.93
C THR D 214 -9.90 -42.29 12.06
N GLY D 215 -8.72 -42.50 12.63
CA GLY D 215 -7.60 -43.14 11.96
C GLY D 215 -6.71 -42.07 11.36
N GLN D 216 -6.44 -41.04 12.15
CA GLN D 216 -5.66 -39.89 11.72
C GLN D 216 -5.10 -39.15 12.92
N HIS D 217 -3.81 -38.79 12.89
CA HIS D 217 -3.16 -38.15 14.02
C HIS D 217 -2.44 -36.89 13.54
N LEU D 218 -2.19 -35.96 14.47
CA LEU D 218 -1.62 -34.68 14.12
C LEU D 218 -0.18 -34.83 13.61
#